data_4MZ1
#
_entry.id   4MZ1
#
_cell.length_a   118.062
_cell.length_b   118.062
_cell.length_c   435.160
_cell.angle_alpha   90.00
_cell.angle_beta   90.00
_cell.angle_gamma   90.00
#
_symmetry.space_group_name_H-M   'I 4 2 2'
#
loop_
_entity.id
_entity.type
_entity.pdbx_description
1 polymer "Inosine-5'-monophosphate dehydrogenase"
2 non-polymer 'INOSINIC ACID'
3 non-polymer 1-(4-bromophenyl)-3-{2-[3-(prop-1-en-2-yl)phenyl]propan-2-yl}urea
4 non-polymer 'POTASSIUM ION'
5 non-polymer 'SULFATE ION'
6 non-polymer 'PHOSPHATE ION'
7 non-polymer 'ACETIC ACID'
8 water water
#
_entity_poly.entity_id   1
_entity_poly.type   'polypeptide(L)'
_entity_poly.pdbx_seq_one_letter_code
;SNAMKIVKRALTFEDVLLRPGYSEVLPKEVKIHTKLTKNITLNMPLISAAMDTVTEHRAAIMMARLGGLGVIHKNMDIAS
QVREVKRVKKSESGGIKDLKKRKEYPDANKDNFGRLRVGAAIGVGQMDRVDALVEAGVDVVVLDSAHGHSKGIIDTVKAI
KAKYPNLDLIAGNIATAAAAKALCEAGVDAVKVGIGPGSICTTRIVSGVGVPQISAIDECVEEANKFGVPVIADGGIKYS
GDIAKALAVGASSVMIGSLLAGTDESPGELFTYQGRQYKSYRGMGSLGAMQKGSSDRYFQQGTAQDKLVPEGIEGRVPYV
GSIRSVVHQLLGGLRSSMGYVGAKDIEDFQKRAEFVEITTAGLKESHVHDVTITHEAPNYKVNHQ
;
_entity_poly.pdbx_strand_id   A,B,C
#
loop_
_chem_comp.id
_chem_comp.type
_chem_comp.name
_chem_comp.formula
2F1 non-polymer 1-(4-bromophenyl)-3-{2-[3-(prop-1-en-2-yl)phenyl]propan-2-yl}urea 'C19 H21 Br N2 O'
ACY non-polymer 'ACETIC ACID' 'C2 H4 O2'
IMP non-polymer 'INOSINIC ACID' 'C10 H13 N4 O8 P'
K non-polymer 'POTASSIUM ION' 'K 1'
PO4 non-polymer 'PHOSPHATE ION' 'O4 P -3'
SO4 non-polymer 'SULFATE ION' 'O4 S -2'
#
# COMPACT_ATOMS: atom_id res chain seq x y z
N ALA A 3 -15.02 -8.02 52.37
CA ALA A 3 -15.54 -8.44 51.08
C ALA A 3 -14.48 -9.16 50.25
N MET A 4 -14.88 -10.24 49.59
CA MET A 4 -13.97 -11.02 48.74
C MET A 4 -13.98 -10.46 47.31
N LYS A 5 -12.83 -10.50 46.66
CA LYS A 5 -12.72 -9.91 45.33
C LYS A 5 -13.18 -10.88 44.27
N ILE A 6 -14.45 -10.74 43.86
CA ILE A 6 -15.01 -11.50 42.74
C ILE A 6 -14.93 -10.67 41.47
N VAL A 7 -14.09 -11.13 40.55
CA VAL A 7 -13.77 -10.41 39.32
C VAL A 7 -14.96 -10.34 38.36
N LYS A 8 -15.77 -11.40 38.35
CA LYS A 8 -16.87 -11.53 37.41
C LYS A 8 -17.64 -12.82 37.66
N ARG A 9 -18.74 -12.95 36.94
CA ARG A 9 -19.48 -14.19 36.89
C ARG A 9 -19.16 -14.81 35.54
N ALA A 10 -18.51 -15.98 35.55
CA ALA A 10 -18.05 -16.61 34.31
C ALA A 10 -18.99 -17.70 33.77
N LEU A 11 -19.11 -17.76 32.45
CA LEU A 11 -19.99 -18.72 31.78
C LEU A 11 -19.17 -19.76 31.02
N THR A 12 -19.74 -20.95 30.85
CA THR A 12 -19.18 -21.91 29.93
C THR A 12 -20.22 -22.29 28.87
N PHE A 13 -19.89 -23.26 28.01
CA PHE A 13 -20.71 -23.58 26.84
C PHE A 13 -22.20 -23.79 27.11
N GLU A 14 -22.52 -24.60 28.11
CA GLU A 14 -23.92 -24.93 28.36
C GLU A 14 -24.73 -23.72 28.84
N ASP A 15 -24.06 -22.59 29.03
CA ASP A 15 -24.72 -21.38 29.52
C ASP A 15 -25.20 -20.48 28.38
N VAL A 16 -24.72 -20.72 27.16
CA VAL A 16 -25.06 -19.83 26.04
C VAL A 16 -25.59 -20.57 24.82
N LEU A 17 -26.26 -19.83 23.94
CA LEU A 17 -26.63 -20.31 22.63
C LEU A 17 -26.29 -19.23 21.62
N LEU A 18 -26.12 -19.60 20.36
CA LEU A 18 -26.01 -18.64 19.30
C LEU A 18 -27.41 -18.33 18.75
N ARG A 19 -27.66 -17.06 18.43
CA ARG A 19 -28.91 -16.68 17.79
C ARG A 19 -28.85 -16.98 16.31
N PRO A 20 -29.95 -17.48 15.74
CA PRO A 20 -29.97 -17.56 14.27
C PRO A 20 -30.05 -16.17 13.67
N GLY A 21 -29.44 -15.97 12.50
CA GLY A 21 -29.51 -14.70 11.80
C GLY A 21 -29.88 -14.95 10.36
N TYR A 22 -30.07 -13.89 9.59
CA TYR A 22 -30.39 -14.02 8.18
C TYR A 22 -29.28 -14.76 7.42
N SER A 23 -29.65 -15.79 6.67
CA SER A 23 -28.66 -16.60 5.96
C SER A 23 -28.92 -16.70 4.46
N GLU A 24 -27.87 -16.47 3.69
CA GLU A 24 -27.88 -16.76 2.26
C GLU A 24 -26.96 -17.93 1.93
N VAL A 25 -26.49 -18.66 2.95
CA VAL A 25 -25.59 -19.79 2.68
C VAL A 25 -26.10 -21.11 3.22
N LEU A 26 -25.88 -22.17 2.45
CA LEU A 26 -26.11 -23.51 2.93
C LEU A 26 -24.85 -24.03 3.60
N PRO A 27 -24.99 -24.99 4.52
CA PRO A 27 -23.82 -25.50 5.23
C PRO A 27 -22.75 -26.14 4.35
N LYS A 28 -23.11 -26.76 3.22
CA LYS A 28 -22.08 -27.34 2.36
C LYS A 28 -21.23 -26.27 1.63
N GLU A 29 -21.64 -25.01 1.73
CA GLU A 29 -20.99 -23.93 1.01
C GLU A 29 -20.04 -23.10 1.87
N VAL A 30 -20.23 -23.15 3.20
CA VAL A 30 -19.39 -22.33 4.07
C VAL A 30 -17.97 -22.87 4.01
N LYS A 31 -17.00 -21.99 4.22
CA LYS A 31 -15.60 -22.38 4.27
C LYS A 31 -15.18 -22.52 5.71
N ILE A 32 -14.41 -23.56 6.01
CA ILE A 32 -13.96 -23.79 7.38
C ILE A 32 -12.44 -23.79 7.56
N HIS A 33 -11.71 -23.24 6.60
N HIS A 33 -11.72 -23.23 6.59
CA HIS A 33 -10.29 -23.04 6.79
CA HIS A 33 -10.29 -22.98 6.76
C HIS A 33 -10.07 -22.08 7.96
C HIS A 33 -10.09 -22.08 7.98
N THR A 34 -8.99 -22.26 8.69
CA THR A 34 -8.67 -21.38 9.82
C THR A 34 -7.16 -21.33 10.05
N LYS A 35 -6.75 -20.61 11.09
CA LYS A 35 -5.33 -20.51 11.43
C LYS A 35 -5.01 -21.25 12.71
N LEU A 36 -4.00 -22.11 12.63
CA LEU A 36 -3.46 -22.77 13.81
C LEU A 36 -2.54 -21.80 14.56
N THR A 37 -1.62 -21.19 13.82
CA THR A 37 -0.69 -20.22 14.35
C THR A 37 -0.63 -19.06 13.39
N LYS A 38 0.20 -18.08 13.71
CA LYS A 38 0.47 -16.96 12.79
C LYS A 38 0.79 -17.41 11.35
N ASN A 39 1.49 -18.54 11.21
CA ASN A 39 2.00 -18.95 9.90
C ASN A 39 1.43 -20.24 9.35
N ILE A 40 0.82 -21.05 10.21
CA ILE A 40 0.31 -22.36 9.82
C ILE A 40 -1.20 -22.32 9.75
N THR A 41 -1.76 -22.63 8.59
CA THR A 41 -3.21 -22.69 8.43
C THR A 41 -3.74 -24.13 8.46
N LEU A 42 -4.99 -24.28 8.88
CA LEU A 42 -5.71 -25.55 8.82
C LEU A 42 -6.82 -25.47 7.78
N ASN A 43 -7.10 -26.58 7.13
CA ASN A 43 -8.24 -26.64 6.22
C ASN A 43 -9.53 -26.94 6.97
N MET A 44 -9.38 -27.36 8.23
CA MET A 44 -10.50 -27.48 9.17
C MET A 44 -9.96 -27.31 10.61
N PRO A 45 -10.81 -26.82 11.53
CA PRO A 45 -10.29 -26.32 12.81
C PRO A 45 -10.14 -27.30 13.98
N LEU A 46 -9.95 -28.60 13.71
CA LEU A 46 -9.81 -29.55 14.81
C LEU A 46 -8.39 -30.06 15.02
N ILE A 47 -7.97 -30.11 16.28
CA ILE A 47 -6.68 -30.65 16.67
C ILE A 47 -6.87 -31.74 17.71
N SER A 48 -6.25 -32.90 17.51
CA SER A 48 -6.37 -33.97 18.50
C SER A 48 -5.36 -33.75 19.64
N ALA A 49 -5.83 -33.99 20.86
CA ALA A 49 -5.06 -33.71 22.07
C ALA A 49 -3.76 -34.49 22.18
N ALA A 50 -2.80 -33.89 22.88
CA ALA A 50 -1.48 -34.48 23.07
C ALA A 50 -1.49 -35.44 24.25
N MET A 51 -2.17 -36.56 24.09
CA MET A 51 -2.38 -37.54 25.16
C MET A 51 -2.06 -38.94 24.67
N ASP A 52 -1.57 -39.79 25.57
CA ASP A 52 -1.15 -41.13 25.21
C ASP A 52 -2.31 -42.10 24.94
N THR A 53 -3.54 -41.64 25.09
CA THR A 53 -4.72 -42.41 24.73
C THR A 53 -5.45 -41.77 23.55
N VAL A 54 -4.84 -40.75 22.95
CA VAL A 54 -5.50 -40.03 21.86
C VAL A 54 -4.65 -39.96 20.58
N THR A 55 -3.46 -39.36 20.67
CA THR A 55 -2.66 -39.10 19.48
C THR A 55 -1.26 -39.72 19.47
N GLU A 56 -1.07 -40.68 18.58
CA GLU A 56 0.28 -41.03 18.12
C GLU A 56 0.22 -40.94 16.60
N HIS A 57 1.09 -41.66 15.89
CA HIS A 57 1.20 -41.41 14.44
C HIS A 57 -0.09 -41.66 13.66
N ARG A 58 -0.79 -42.75 13.97
CA ARG A 58 -2.00 -43.10 13.25
C ARG A 58 -3.06 -42.01 13.35
N ALA A 59 -3.32 -41.52 14.55
CA ALA A 59 -4.31 -40.46 14.71
C ALA A 59 -3.85 -39.16 14.03
N ALA A 60 -2.58 -38.83 14.22
CA ALA A 60 -1.99 -37.61 13.67
C ALA A 60 -2.10 -37.60 12.16
N ILE A 61 -1.77 -38.74 11.55
CA ILE A 61 -1.89 -38.93 10.11
C ILE A 61 -3.31 -38.67 9.60
N MET A 62 -4.29 -39.26 10.26
CA MET A 62 -5.68 -39.06 9.83
C MET A 62 -6.11 -37.62 10.04
N MET A 63 -5.70 -37.04 11.16
CA MET A 63 -6.05 -35.65 11.47
C MET A 63 -5.60 -34.72 10.36
N ALA A 64 -4.32 -34.82 10.00
CA ALA A 64 -3.79 -33.97 8.95
C ALA A 64 -4.41 -34.29 7.60
N ARG A 65 -4.73 -35.56 7.35
CA ARG A 65 -5.34 -35.93 6.08
C ARG A 65 -6.69 -35.24 5.91
N LEU A 66 -7.36 -35.04 7.04
CA LEU A 66 -8.69 -34.48 7.04
C LEU A 66 -8.64 -32.96 7.09
N GLY A 67 -7.44 -32.40 7.24
CA GLY A 67 -7.23 -30.98 7.16
C GLY A 67 -6.93 -30.29 8.48
N GLY A 68 -6.87 -31.09 9.55
CA GLY A 68 -6.58 -30.59 10.88
C GLY A 68 -5.15 -30.92 11.29
N LEU A 69 -4.96 -31.19 12.57
CA LEU A 69 -3.63 -31.54 13.06
C LEU A 69 -3.72 -32.47 14.27
N GLY A 70 -2.72 -33.33 14.42
CA GLY A 70 -2.55 -34.07 15.65
C GLY A 70 -1.28 -33.65 16.36
N VAL A 71 -1.33 -33.58 17.68
CA VAL A 71 -0.12 -33.30 18.45
C VAL A 71 0.36 -34.58 19.13
N ILE A 72 1.52 -35.08 18.72
CA ILE A 72 2.08 -36.28 19.35
C ILE A 72 2.42 -35.99 20.81
N HIS A 73 1.91 -36.80 21.71
CA HIS A 73 2.14 -36.61 23.15
C HIS A 73 3.60 -36.81 23.52
N LYS A 74 3.98 -36.31 24.70
CA LYS A 74 5.37 -36.36 25.12
C LYS A 74 5.63 -37.36 26.25
N ASN A 75 4.69 -38.27 26.51
CA ASN A 75 4.93 -39.26 27.54
C ASN A 75 5.67 -40.46 26.96
N MET A 76 6.84 -40.17 26.39
CA MET A 76 7.69 -41.19 25.82
C MET A 76 9.04 -40.54 25.66
N ASP A 77 10.09 -41.33 25.45
CA ASP A 77 11.43 -40.75 25.36
C ASP A 77 11.62 -40.01 24.03
N ILE A 78 12.64 -39.17 23.98
CA ILE A 78 12.90 -38.33 22.81
C ILE A 78 12.97 -39.12 21.52
N ALA A 79 13.68 -40.24 21.53
CA ALA A 79 13.88 -41.03 20.32
C ALA A 79 12.57 -41.63 19.77
N SER A 80 11.66 -42.02 20.66
CA SER A 80 10.35 -42.53 20.21
C SER A 80 9.49 -41.43 19.61
N GLN A 81 9.47 -40.26 20.24
CA GLN A 81 8.64 -39.15 19.76
C GLN A 81 9.15 -38.67 18.41
N VAL A 82 10.45 -38.64 18.25
CA VAL A 82 11.04 -38.34 16.95
C VAL A 82 10.56 -39.37 15.94
N ARG A 83 10.55 -40.64 16.34
CA ARG A 83 10.09 -41.72 15.48
C ARG A 83 8.63 -41.52 15.04
N GLU A 84 7.78 -41.09 15.98
CA GLU A 84 6.36 -40.87 15.69
C GLU A 84 6.16 -39.75 14.69
N VAL A 85 6.98 -38.70 14.83
CA VAL A 85 6.92 -37.55 13.93
C VAL A 85 7.31 -37.96 12.53
N LYS A 86 8.43 -38.69 12.43
CA LYS A 86 8.92 -39.12 11.14
C LYS A 86 7.90 -40.03 10.44
N ARG A 87 7.17 -40.84 11.20
CA ARG A 87 6.11 -41.68 10.63
C ARG A 87 5.01 -40.85 9.96
N VAL A 88 4.60 -39.76 10.58
CA VAL A 88 3.61 -38.88 9.98
C VAL A 88 4.19 -38.23 8.72
N LYS A 89 5.43 -37.73 8.82
CA LYS A 89 6.06 -37.06 7.68
C LYS A 89 6.25 -38.00 6.49
N LYS A 90 6.41 -39.28 6.75
CA LYS A 90 6.68 -40.27 5.70
C LYS A 90 5.43 -40.96 5.15
N SER A 91 4.24 -40.56 5.59
CA SER A 91 3.02 -41.17 5.10
C SER A 91 2.80 -40.92 3.61
N LYS A 103 -5.90 -37.61 -4.14
CA LYS A 103 -7.29 -37.28 -4.45
C LYS A 103 -8.27 -37.90 -3.47
N GLU A 104 -7.79 -38.87 -2.68
CA GLU A 104 -8.64 -39.48 -1.65
C GLU A 104 -8.76 -38.53 -0.46
N TYR A 105 -7.73 -37.73 -0.25
CA TYR A 105 -7.72 -36.73 0.82
C TYR A 105 -7.41 -35.36 0.26
N PRO A 106 -8.39 -34.72 -0.39
CA PRO A 106 -8.21 -33.40 -0.99
C PRO A 106 -7.87 -32.30 0.03
N ASP A 107 -8.51 -32.29 1.19
CA ASP A 107 -8.26 -31.22 2.19
C ASP A 107 -7.05 -31.44 3.08
N ALA A 108 -6.17 -32.38 2.70
CA ALA A 108 -5.00 -32.70 3.53
C ALA A 108 -4.15 -31.48 3.87
N ASN A 109 -3.58 -31.49 5.07
CA ASN A 109 -2.83 -30.36 5.59
C ASN A 109 -1.33 -30.64 5.51
N LYS A 110 -0.67 -30.06 4.50
CA LYS A 110 0.70 -30.42 4.13
C LYS A 110 1.73 -29.30 4.28
N ASP A 111 3.00 -29.69 4.47
CA ASP A 111 4.13 -28.77 4.57
C ASP A 111 4.73 -28.46 3.20
N ASN A 112 5.95 -27.93 3.20
CA ASN A 112 6.65 -27.59 1.95
C ASN A 112 7.01 -28.78 1.06
N PHE A 113 7.41 -29.90 1.67
CA PHE A 113 7.74 -31.13 0.94
C PHE A 113 6.51 -31.88 0.42
N GLY A 114 5.33 -31.34 0.68
CA GLY A 114 4.08 -32.06 0.43
C GLY A 114 3.84 -33.17 1.45
N ARG A 115 4.49 -33.06 2.61
CA ARG A 115 4.30 -34.05 3.67
C ARG A 115 3.26 -33.58 4.68
N LEU A 116 2.59 -34.53 5.33
CA LEU A 116 1.59 -34.15 6.33
C LEU A 116 2.23 -33.37 7.49
N ARG A 117 1.53 -32.34 7.95
N ARG A 117 1.53 -32.33 7.95
CA ARG A 117 1.98 -31.56 9.10
CA ARG A 117 1.98 -31.57 9.10
C ARG A 117 1.71 -32.30 10.40
C ARG A 117 1.75 -32.35 10.39
N VAL A 118 2.54 -32.05 11.41
CA VAL A 118 2.38 -32.70 12.70
C VAL A 118 2.86 -31.78 13.82
N GLY A 119 2.26 -31.92 14.99
CA GLY A 119 2.70 -31.19 16.16
C GLY A 119 3.28 -32.17 17.14
N ALA A 120 4.13 -31.69 18.05
CA ALA A 120 4.69 -32.54 19.07
C ALA A 120 4.84 -31.77 20.35
N ALA A 121 4.42 -32.40 21.45
CA ALA A 121 4.39 -31.75 22.75
C ALA A 121 5.75 -31.73 23.42
N ILE A 122 6.02 -30.68 24.16
CA ILE A 122 7.19 -30.60 25.03
C ILE A 122 6.86 -29.94 26.37
N GLY A 123 7.73 -30.16 27.35
CA GLY A 123 7.62 -29.51 28.64
C GLY A 123 8.68 -28.46 28.86
N VAL A 124 8.65 -27.85 30.05
CA VAL A 124 9.63 -26.87 30.47
C VAL A 124 11.05 -27.42 30.44
N GLY A 125 11.98 -26.64 29.90
CA GLY A 125 13.39 -26.99 29.89
C GLY A 125 13.76 -28.31 29.25
N GLN A 126 13.09 -28.64 28.15
CA GLN A 126 13.41 -29.85 27.39
C GLN A 126 13.97 -29.46 26.02
N MET A 127 15.02 -28.66 26.01
CA MET A 127 15.57 -28.16 24.77
C MET A 127 16.13 -29.29 23.92
N ASP A 128 16.65 -30.32 24.59
CA ASP A 128 17.10 -31.54 23.92
C ASP A 128 15.99 -32.14 23.06
N ARG A 129 14.82 -32.31 23.64
CA ARG A 129 13.67 -32.82 22.93
C ARG A 129 13.34 -31.92 21.75
N VAL A 130 13.42 -30.62 21.97
CA VAL A 130 13.12 -29.63 20.94
C VAL A 130 14.10 -29.70 19.75
N ASP A 131 15.39 -29.79 20.04
CA ASP A 131 16.37 -29.94 18.97
C ASP A 131 16.02 -31.17 18.12
N ALA A 132 15.75 -32.29 18.78
CA ALA A 132 15.49 -33.53 18.09
C ALA A 132 14.23 -33.48 17.22
N LEU A 133 13.19 -32.83 17.74
CA LEU A 133 11.93 -32.70 17.03
C LEU A 133 12.06 -31.76 15.84
N VAL A 134 12.80 -30.67 16.03
CA VAL A 134 13.05 -29.74 14.95
C VAL A 134 13.80 -30.42 13.80
N GLU A 135 14.89 -31.11 14.13
CA GLU A 135 15.67 -31.86 13.13
C GLU A 135 14.83 -32.95 12.43
N ALA A 136 13.85 -33.50 13.13
CA ALA A 136 12.96 -34.50 12.57
C ALA A 136 11.90 -33.89 11.66
N GLY A 137 11.85 -32.55 11.63
CA GLY A 137 10.96 -31.84 10.71
C GLY A 137 9.55 -31.54 11.22
N VAL A 138 9.37 -31.51 12.53
CA VAL A 138 8.07 -31.19 13.11
C VAL A 138 7.57 -29.80 12.69
N ASP A 139 6.28 -29.65 12.47
CA ASP A 139 5.76 -28.38 12.00
C ASP A 139 5.52 -27.39 13.12
N VAL A 140 5.16 -27.87 14.30
CA VAL A 140 4.90 -26.99 15.40
C VAL A 140 5.15 -27.71 16.71
N VAL A 141 5.78 -26.99 17.62
CA VAL A 141 6.06 -27.49 18.93
C VAL A 141 5.00 -26.94 19.86
N VAL A 142 4.42 -27.82 20.68
CA VAL A 142 3.37 -27.43 21.61
C VAL A 142 3.90 -27.54 23.04
N LEU A 143 4.27 -26.41 23.61
CA LEU A 143 4.77 -26.33 24.97
C LEU A 143 3.60 -26.30 25.94
N ASP A 144 3.31 -27.43 26.58
N ASP A 144 3.31 -27.45 26.56
CA ASP A 144 2.16 -27.51 27.46
CA ASP A 144 2.18 -27.57 27.47
C ASP A 144 2.55 -27.65 28.93
C ASP A 144 2.59 -27.63 28.94
N SER A 145 1.80 -26.98 29.79
CA SER A 145 2.05 -27.01 31.22
C SER A 145 0.70 -26.86 31.90
N ALA A 146 0.63 -27.27 33.16
CA ALA A 146 -0.58 -27.07 33.95
C ALA A 146 -0.80 -25.57 34.08
N HIS A 147 0.31 -24.85 34.20
CA HIS A 147 0.22 -23.42 34.39
C HIS A 147 1.13 -22.70 33.41
N GLY A 148 0.57 -22.33 32.26
CA GLY A 148 1.32 -21.61 31.25
C GLY A 148 1.75 -20.23 31.70
N HIS A 149 1.01 -19.65 32.65
CA HIS A 149 1.35 -18.31 33.15
C HIS A 149 2.39 -18.36 34.28
N SER A 150 3.56 -18.88 33.95
CA SER A 150 4.60 -19.06 34.97
C SER A 150 5.98 -18.71 34.42
N LYS A 151 6.88 -18.37 35.32
CA LYS A 151 8.26 -18.08 34.95
C LYS A 151 8.89 -19.22 34.15
N GLY A 152 8.67 -20.46 34.60
CA GLY A 152 9.20 -21.63 33.91
C GLY A 152 8.81 -21.67 32.43
N ILE A 153 7.52 -21.59 32.16
CA ILE A 153 7.02 -21.61 30.80
C ILE A 153 7.53 -20.41 29.97
N ILE A 154 7.45 -19.22 30.56
CA ILE A 154 7.87 -18.01 29.85
C ILE A 154 9.37 -17.99 29.54
N ASP A 155 10.20 -18.42 30.50
CA ASP A 155 11.62 -18.59 30.22
C ASP A 155 11.84 -19.59 29.07
N THR A 156 11.04 -20.65 29.03
CA THR A 156 11.21 -21.67 27.99
C THR A 156 10.88 -21.13 26.58
N VAL A 157 9.79 -20.36 26.49
CA VAL A 157 9.42 -19.67 25.27
C VAL A 157 10.55 -18.75 24.79
N LYS A 158 11.08 -17.95 25.71
CA LYS A 158 12.17 -17.05 25.38
C LYS A 158 13.37 -17.83 24.83
N ALA A 159 13.72 -18.91 25.51
CA ALA A 159 14.85 -19.73 25.08
C ALA A 159 14.63 -20.39 23.71
N ILE A 160 13.41 -20.84 23.45
CA ILE A 160 13.10 -21.50 22.19
C ILE A 160 13.07 -20.53 21.02
N LYS A 161 12.41 -19.38 21.22
CA LYS A 161 12.31 -18.36 20.16
C LYS A 161 13.65 -17.70 19.92
N ALA A 162 14.49 -17.64 20.94
CA ALA A 162 15.82 -17.08 20.78
C ALA A 162 16.68 -18.03 19.95
N LYS A 163 16.45 -19.33 20.10
CA LYS A 163 17.26 -20.30 19.40
C LYS A 163 16.66 -20.67 18.05
N TYR A 164 15.32 -20.63 17.98
CA TYR A 164 14.61 -20.97 16.75
C TYR A 164 13.58 -19.90 16.43
N PRO A 165 14.04 -18.74 15.92
CA PRO A 165 13.16 -17.58 15.75
C PRO A 165 11.96 -17.84 14.81
N ASN A 166 12.08 -18.83 13.95
CA ASN A 166 11.05 -19.08 12.96
C ASN A 166 10.33 -20.42 13.15
N LEU A 167 10.62 -21.08 14.26
CA LEU A 167 9.87 -22.27 14.64
C LEU A 167 8.51 -21.86 15.26
N ASP A 168 7.43 -22.39 14.71
CA ASP A 168 6.10 -22.12 15.25
C ASP A 168 5.96 -22.78 16.62
N LEU A 169 5.68 -21.95 17.62
CA LEU A 169 5.60 -22.40 19.00
C LEU A 169 4.23 -22.06 19.54
N ILE A 170 3.53 -23.09 20.04
CA ILE A 170 2.26 -22.92 20.75
C ILE A 170 2.55 -23.09 22.22
N ALA A 171 2.00 -22.22 23.06
CA ALA A 171 2.21 -22.34 24.50
C ALA A 171 0.88 -22.30 25.25
N GLY A 172 0.79 -23.09 26.31
CA GLY A 172 -0.41 -23.20 27.11
C GLY A 172 -0.06 -23.91 28.40
N ASN A 173 -1.03 -24.05 29.30
CA ASN A 173 -2.39 -23.58 29.06
C ASN A 173 -2.65 -22.37 29.96
N ILE A 174 -3.43 -21.42 29.47
CA ILE A 174 -3.72 -20.22 30.24
C ILE A 174 -5.21 -20.00 30.29
N ALA A 175 -5.63 -19.08 31.15
CA ALA A 175 -7.06 -18.80 31.26
C ALA A 175 -7.39 -17.33 31.49
N THR A 176 -6.38 -16.47 31.51
CA THR A 176 -6.61 -15.05 31.75
C THR A 176 -5.98 -14.20 30.67
N ALA A 177 -6.45 -12.95 30.59
CA ALA A 177 -5.93 -11.95 29.63
C ALA A 177 -4.48 -11.59 29.93
N ALA A 178 -4.13 -11.51 31.22
CA ALA A 178 -2.76 -11.20 31.58
C ALA A 178 -1.81 -12.30 31.13
N ALA A 179 -2.24 -13.55 31.29
CA ALA A 179 -1.44 -14.70 30.85
C ALA A 179 -1.22 -14.67 29.34
N ALA A 180 -2.25 -14.28 28.60
CA ALA A 180 -2.18 -14.20 27.15
C ALA A 180 -1.20 -13.12 26.72
N LYS A 181 -1.25 -11.98 27.40
CA LYS A 181 -0.33 -10.88 27.15
C LYS A 181 1.13 -11.31 27.34
N ALA A 182 1.42 -11.94 28.48
CA ALA A 182 2.80 -12.33 28.79
C ALA A 182 3.37 -13.28 27.75
N LEU A 183 2.56 -14.26 27.35
CA LEU A 183 2.97 -15.21 26.31
C LEU A 183 3.14 -14.57 24.92
N CYS A 184 2.20 -13.70 24.53
CA CYS A 184 2.31 -13.02 23.23
C CYS A 184 3.51 -12.10 23.16
N GLU A 185 3.77 -11.41 24.25
CA GLU A 185 4.94 -10.54 24.34
C GLU A 185 6.24 -11.33 24.28
N ALA A 186 6.21 -12.58 24.78
CA ALA A 186 7.39 -13.45 24.68
C ALA A 186 7.60 -14.03 23.28
N GLY A 187 6.60 -13.92 22.41
CA GLY A 187 6.80 -14.24 21.01
C GLY A 187 6.15 -15.51 20.50
N VAL A 188 5.19 -16.08 21.24
CA VAL A 188 4.53 -17.30 20.82
C VAL A 188 3.73 -17.13 19.54
N ASP A 189 3.51 -18.23 18.84
CA ASP A 189 2.75 -18.17 17.60
C ASP A 189 1.25 -18.47 17.78
N ALA A 190 0.91 -19.11 18.90
CA ALA A 190 -0.47 -19.27 19.31
C ALA A 190 -0.51 -19.51 20.81
N VAL A 191 -1.63 -19.20 21.46
CA VAL A 191 -1.79 -19.59 22.86
C VAL A 191 -2.93 -20.60 23.00
N LYS A 192 -2.78 -21.49 23.97
CA LYS A 192 -3.77 -22.53 24.17
C LYS A 192 -4.53 -22.28 25.46
N VAL A 193 -5.85 -22.31 25.38
CA VAL A 193 -6.70 -21.87 26.46
C VAL A 193 -7.49 -23.01 27.06
N GLY A 194 -7.43 -23.11 28.38
CA GLY A 194 -8.20 -24.11 29.09
C GLY A 194 -7.49 -24.54 30.35
N ILE A 195 -7.92 -24.01 31.49
CA ILE A 195 -7.51 -24.52 32.78
C ILE A 195 -8.68 -25.24 33.45
N GLY A 196 -8.64 -26.57 33.44
CA GLY A 196 -9.66 -27.35 34.11
C GLY A 196 -10.93 -27.79 33.38
N PRO A 197 -11.10 -27.47 32.08
CA PRO A 197 -12.39 -27.93 31.55
C PRO A 197 -12.37 -29.36 31.01
N GLY A 198 -11.18 -29.95 30.90
CA GLY A 198 -11.05 -31.27 30.31
C GLY A 198 -11.92 -32.32 30.97
N SER A 199 -12.52 -33.19 30.16
CA SER A 199 -13.35 -34.28 30.65
C SER A 199 -12.69 -35.12 31.76
N ILE A 200 -11.39 -35.39 31.62
CA ILE A 200 -10.67 -36.22 32.57
C ILE A 200 -9.90 -35.42 33.63
N CYS A 201 -10.17 -34.11 33.66
CA CYS A 201 -9.38 -33.18 34.46
C CYS A 201 -10.02 -32.89 35.82
N THR A 202 -9.20 -32.86 36.88
CA THR A 202 -9.73 -32.62 38.23
C THR A 202 -9.11 -31.39 38.86
N THR A 203 -8.26 -30.71 38.12
CA THR A 203 -7.58 -29.50 38.56
C THR A 203 -8.48 -28.52 39.33
N ARG A 204 -9.64 -28.18 38.78
CA ARG A 204 -10.51 -27.25 39.48
C ARG A 204 -10.97 -27.78 40.85
N ILE A 205 -11.08 -29.09 40.98
CA ILE A 205 -11.57 -29.66 42.23
C ILE A 205 -10.42 -29.87 43.20
N VAL A 206 -9.29 -30.31 42.67
CA VAL A 206 -8.12 -30.58 43.50
C VAL A 206 -7.49 -29.29 44.04
N SER A 207 -7.45 -28.25 43.21
CA SER A 207 -6.82 -26.99 43.61
C SER A 207 -7.79 -25.80 43.78
N GLY A 208 -9.02 -25.92 43.29
CA GLY A 208 -9.97 -24.83 43.40
C GLY A 208 -9.75 -23.71 42.38
N VAL A 209 -8.89 -23.96 41.40
CA VAL A 209 -8.43 -22.94 40.47
C VAL A 209 -8.89 -23.26 39.05
N GLY A 210 -9.40 -22.25 38.35
CA GLY A 210 -9.80 -22.41 36.96
C GLY A 210 -10.74 -21.31 36.49
N VAL A 211 -11.03 -21.30 35.19
CA VAL A 211 -12.00 -20.34 34.65
C VAL A 211 -12.88 -21.11 33.68
N PRO A 212 -14.22 -21.01 33.84
CA PRO A 212 -15.14 -21.69 32.91
C PRO A 212 -14.78 -21.37 31.47
N GLN A 213 -14.79 -22.40 30.63
CA GLN A 213 -14.12 -22.33 29.34
C GLN A 213 -14.57 -21.20 28.39
N ILE A 214 -15.88 -20.95 28.26
CA ILE A 214 -16.36 -19.89 27.36
C ILE A 214 -15.84 -18.50 27.76
N SER A 215 -15.91 -18.19 29.06
CA SER A 215 -15.37 -16.94 29.57
C SER A 215 -13.86 -16.86 29.36
N ALA A 216 -13.17 -17.98 29.56
CA ALA A 216 -11.73 -18.01 29.42
C ALA A 216 -11.28 -17.69 27.98
N ILE A 217 -11.96 -18.29 27.00
CA ILE A 217 -11.63 -18.07 25.60
C ILE A 217 -11.84 -16.62 25.23
N ASP A 218 -12.98 -16.08 25.65
CA ASP A 218 -13.38 -14.72 25.30
C ASP A 218 -12.38 -13.68 25.80
N GLU A 219 -11.94 -13.89 27.03
CA GLU A 219 -11.00 -12.98 27.65
C GLU A 219 -9.64 -13.05 26.95
N CYS A 220 -9.21 -14.27 26.63
CA CYS A 220 -7.89 -14.46 26.04
C CYS A 220 -7.81 -14.04 24.58
N VAL A 221 -8.89 -14.29 23.83
CA VAL A 221 -8.97 -13.85 22.43
C VAL A 221 -8.82 -12.34 22.34
N GLU A 222 -9.56 -11.63 23.19
CA GLU A 222 -9.54 -10.17 23.17
C GLU A 222 -8.11 -9.65 23.31
N GLU A 223 -7.35 -10.26 24.22
CA GLU A 223 -5.97 -9.84 24.41
C GLU A 223 -5.08 -10.35 23.27
N ALA A 224 -5.21 -11.62 22.90
CA ALA A 224 -4.37 -12.19 21.86
C ALA A 224 -4.56 -11.51 20.49
N ASN A 225 -5.79 -11.06 20.21
CA ASN A 225 -6.06 -10.38 18.95
C ASN A 225 -5.15 -9.15 18.73
N LYS A 226 -4.81 -8.48 19.82
CA LYS A 226 -3.92 -7.33 19.77
C LYS A 226 -2.56 -7.68 19.14
N PHE A 227 -2.20 -8.95 19.18
CA PHE A 227 -0.91 -9.37 18.64
C PHE A 227 -1.09 -10.17 17.37
N GLY A 228 -2.35 -10.36 16.96
CA GLY A 228 -2.67 -11.25 15.85
C GLY A 228 -2.26 -12.69 16.15
N VAL A 229 -2.38 -13.09 17.41
CA VAL A 229 -2.03 -14.44 17.81
C VAL A 229 -3.31 -15.27 17.98
N PRO A 230 -3.40 -16.40 17.26
CA PRO A 230 -4.61 -17.22 17.35
C PRO A 230 -4.74 -17.84 18.73
N VAL A 231 -5.98 -18.13 19.12
CA VAL A 231 -6.27 -18.83 20.35
C VAL A 231 -6.80 -20.23 20.04
N ILE A 232 -6.22 -21.21 20.73
CA ILE A 232 -6.69 -22.57 20.65
C ILE A 232 -7.50 -22.87 21.91
N ALA A 233 -8.77 -23.25 21.71
CA ALA A 233 -9.66 -23.62 22.82
C ALA A 233 -9.54 -25.12 23.10
N ASP A 234 -8.97 -25.46 24.23
CA ASP A 234 -8.59 -26.84 24.51
C ASP A 234 -9.35 -27.41 25.72
N GLY A 235 -10.15 -28.45 25.49
CA GLY A 235 -10.84 -29.13 26.58
C GLY A 235 -12.29 -28.70 26.75
N GLY A 236 -13.11 -29.62 27.26
CA GLY A 236 -14.49 -29.33 27.57
C GLY A 236 -15.47 -29.45 26.43
N ILE A 237 -14.99 -29.82 25.24
CA ILE A 237 -15.89 -30.06 24.10
C ILE A 237 -16.61 -31.41 24.27
N LYS A 238 -17.93 -31.36 24.44
CA LYS A 238 -18.75 -32.57 24.54
C LYS A 238 -19.51 -32.83 23.25
N TYR A 239 -19.87 -31.78 22.52
CA TYR A 239 -20.64 -31.97 21.30
C TYR A 239 -20.16 -31.02 20.21
N SER A 240 -20.65 -31.25 18.99
CA SER A 240 -20.31 -30.40 17.85
C SER A 240 -20.72 -28.95 18.10
N GLY A 241 -21.83 -28.75 18.81
CA GLY A 241 -22.31 -27.39 19.09
C GLY A 241 -21.30 -26.56 19.86
N ASP A 242 -20.55 -27.22 20.73
CA ASP A 242 -19.57 -26.55 21.55
C ASP A 242 -18.42 -26.03 20.71
N ILE A 243 -18.11 -26.76 19.64
CA ILE A 243 -17.04 -26.33 18.76
C ILE A 243 -17.45 -25.04 18.10
N ALA A 244 -18.67 -25.05 17.58
CA ALA A 244 -19.23 -23.88 16.96
C ALA A 244 -19.16 -22.68 17.92
N LYS A 245 -19.60 -22.89 19.15
CA LYS A 245 -19.66 -21.79 20.12
C LYS A 245 -18.25 -21.25 20.39
N ALA A 246 -17.29 -22.17 20.53
CA ALA A 246 -15.91 -21.81 20.83
C ALA A 246 -15.30 -20.98 19.71
N LEU A 247 -15.55 -21.41 18.47
CA LEU A 247 -15.07 -20.68 17.31
C LEU A 247 -15.77 -19.33 17.22
N ALA A 248 -17.09 -19.34 17.44
CA ALA A 248 -17.90 -18.11 17.36
C ALA A 248 -17.45 -17.02 18.33
N VAL A 249 -17.04 -17.41 19.52
CA VAL A 249 -16.59 -16.45 20.54
C VAL A 249 -15.18 -15.88 20.22
N GLY A 250 -14.47 -16.49 19.28
CA GLY A 250 -13.21 -15.93 18.81
C GLY A 250 -12.03 -16.88 18.72
N ALA A 251 -12.16 -18.11 19.22
CA ALA A 251 -11.07 -19.08 19.09
C ALA A 251 -10.86 -19.45 17.62
N SER A 252 -9.62 -19.73 17.25
CA SER A 252 -9.31 -20.02 15.85
C SER A 252 -9.33 -21.51 15.58
N SER A 253 -9.18 -22.29 16.65
CA SER A 253 -9.23 -23.74 16.51
C SER A 253 -9.58 -24.37 17.84
N VAL A 254 -9.85 -25.67 17.81
CA VAL A 254 -10.28 -26.37 19.01
C VAL A 254 -9.49 -27.66 19.17
N MET A 255 -9.10 -27.96 20.41
CA MET A 255 -8.37 -29.18 20.70
C MET A 255 -9.25 -30.14 21.48
N ILE A 256 -9.24 -31.40 21.05
CA ILE A 256 -10.17 -32.40 21.50
C ILE A 256 -9.47 -33.70 21.94
N GLY A 257 -9.84 -34.16 23.13
CA GLY A 257 -9.34 -35.40 23.68
C GLY A 257 -10.41 -36.48 23.68
N SER A 258 -11.38 -36.37 24.59
CA SER A 258 -12.35 -37.45 24.81
C SER A 258 -13.14 -37.87 23.55
N LEU A 259 -13.51 -36.92 22.71
CA LEU A 259 -14.27 -37.27 21.51
C LEU A 259 -13.46 -38.06 20.48
N LEU A 260 -12.14 -38.06 20.61
CA LEU A 260 -11.32 -38.79 19.64
C LEU A 260 -10.68 -40.03 20.26
N ALA A 261 -10.82 -40.19 21.57
CA ALA A 261 -10.13 -41.27 22.29
C ALA A 261 -10.72 -42.65 21.98
N GLY A 262 -11.96 -42.67 21.52
CA GLY A 262 -12.62 -43.93 21.28
C GLY A 262 -12.50 -44.41 19.85
N THR A 263 -11.56 -43.84 19.10
CA THR A 263 -11.47 -44.16 17.67
C THR A 263 -10.51 -45.30 17.38
N ASP A 264 -10.69 -45.91 16.22
CA ASP A 264 -9.78 -46.94 15.70
C ASP A 264 -8.33 -46.49 15.79
N GLU A 265 -8.10 -45.24 15.39
CA GLU A 265 -6.76 -44.72 15.18
C GLU A 265 -6.03 -44.35 16.46
N SER A 266 -6.77 -44.13 17.55
CA SER A 266 -6.13 -43.73 18.80
C SER A 266 -5.33 -44.92 19.30
N PRO A 267 -4.30 -44.66 20.13
CA PRO A 267 -3.50 -45.76 20.67
C PRO A 267 -4.36 -46.70 21.50
N GLY A 268 -4.00 -47.97 21.51
CA GLY A 268 -4.73 -48.93 22.33
C GLY A 268 -5.77 -49.68 21.53
N GLU A 269 -6.32 -50.71 22.15
CA GLU A 269 -7.29 -51.56 21.47
C GLU A 269 -8.65 -51.45 22.13
N LEU A 270 -9.69 -51.78 21.39
CA LEU A 270 -11.01 -51.76 21.98
C LEU A 270 -11.20 -53.01 22.81
N PHE A 271 -12.01 -52.89 23.85
CA PHE A 271 -12.40 -54.05 24.62
C PHE A 271 -13.89 -53.96 24.90
N THR A 272 -14.48 -55.08 25.31
CA THR A 272 -15.91 -55.12 25.54
C THR A 272 -16.13 -55.43 27.00
N TYR A 273 -16.97 -54.60 27.62
CA TYR A 273 -17.32 -54.77 29.02
C TYR A 273 -18.84 -54.66 29.13
N GLN A 274 -19.45 -55.70 29.65
CA GLN A 274 -20.89 -55.75 29.85
C GLN A 274 -21.66 -55.36 28.59
N GLY A 275 -21.20 -55.90 27.46
CA GLY A 275 -21.90 -55.75 26.20
C GLY A 275 -21.70 -54.42 25.49
N ARG A 276 -20.81 -53.55 26.00
CA ARG A 276 -20.44 -52.31 25.29
C ARG A 276 -18.95 -52.28 24.93
N GLN A 277 -18.65 -51.62 23.82
CA GLN A 277 -17.27 -51.48 23.38
C GLN A 277 -16.67 -50.17 23.83
N TYR A 278 -15.42 -50.22 24.26
CA TYR A 278 -14.75 -49.05 24.81
C TYR A 278 -13.28 -48.97 24.43
N LYS A 279 -12.70 -47.82 24.71
CA LYS A 279 -11.25 -47.67 24.81
C LYS A 279 -10.92 -46.90 26.07
N SER A 280 -9.72 -47.14 26.59
CA SER A 280 -9.23 -46.35 27.71
C SER A 280 -9.01 -44.92 27.28
N TYR A 281 -9.26 -44.01 28.21
CA TYR A 281 -8.95 -42.61 28.05
C TYR A 281 -8.55 -42.10 29.43
N ARG A 282 -7.39 -41.44 29.52
CA ARG A 282 -6.91 -40.98 30.82
C ARG A 282 -6.17 -39.64 30.69
N GLY A 283 -6.25 -38.83 31.73
CA GLY A 283 -5.51 -37.58 31.75
C GLY A 283 -4.02 -37.83 31.89
N MET A 284 -3.21 -36.88 31.43
CA MET A 284 -1.77 -37.00 31.52
C MET A 284 -1.30 -36.76 32.95
N GLY A 285 -2.17 -36.18 33.76
CA GLY A 285 -1.86 -35.92 35.15
C GLY A 285 -2.54 -36.90 36.08
N SER A 286 -3.02 -38.03 35.54
CA SER A 286 -3.55 -39.11 36.38
C SER A 286 -2.37 -39.93 36.91
N LEU A 287 -2.58 -40.64 38.01
CA LEU A 287 -1.51 -41.47 38.57
C LEU A 287 -0.99 -42.46 37.54
N GLY A 288 -1.91 -43.17 36.88
CA GLY A 288 -1.56 -44.12 35.84
C GLY A 288 -0.57 -43.58 34.82
N ALA A 289 -0.91 -42.42 34.25
CA ALA A 289 -0.10 -41.81 33.18
C ALA A 289 1.26 -41.31 33.66
N MET A 290 1.34 -40.96 34.94
CA MET A 290 2.56 -40.42 35.51
C MET A 290 3.57 -41.50 35.89
N GLN A 291 3.13 -42.75 35.93
CA GLN A 291 4.03 -43.85 36.31
C GLN A 291 4.48 -44.68 35.11
N LYS A 307 4.63 -39.22 47.54
CA LYS A 307 3.66 -39.79 46.61
C LYS A 307 2.95 -38.70 45.78
N LEU A 308 2.59 -39.02 44.54
CA LEU A 308 2.07 -38.04 43.59
C LEU A 308 0.64 -37.54 43.89
N VAL A 309 0.40 -36.25 43.63
CA VAL A 309 -0.93 -35.67 43.78
C VAL A 309 -1.52 -35.35 42.41
N PRO A 310 -2.34 -36.26 41.89
CA PRO A 310 -2.83 -36.16 40.51
C PRO A 310 -3.86 -35.04 40.31
N GLU A 311 -4.03 -34.64 39.05
CA GLU A 311 -5.05 -33.66 38.66
C GLU A 311 -5.84 -34.21 37.48
N GLY A 312 -5.90 -35.53 37.38
CA GLY A 312 -6.63 -36.17 36.31
C GLY A 312 -7.04 -37.56 36.71
N ILE A 313 -7.97 -38.16 35.97
CA ILE A 313 -8.34 -39.55 36.25
C ILE A 313 -8.05 -40.48 35.10
N GLU A 314 -8.02 -41.77 35.41
CA GLU A 314 -8.01 -42.83 34.39
C GLU A 314 -9.42 -43.33 34.17
N GLY A 315 -9.85 -43.39 32.90
CA GLY A 315 -11.19 -43.85 32.58
C GLY A 315 -11.34 -44.62 31.28
N ARG A 316 -12.60 -44.73 30.84
CA ARG A 316 -12.91 -45.36 29.56
C ARG A 316 -13.98 -44.53 28.83
N VAL A 317 -13.93 -44.56 27.50
CA VAL A 317 -14.93 -43.88 26.68
C VAL A 317 -15.49 -44.90 25.69
N PRO A 318 -16.71 -44.67 25.20
CA PRO A 318 -17.32 -45.60 24.23
C PRO A 318 -16.48 -45.70 22.95
N TYR A 319 -16.43 -46.88 22.36
CA TYR A 319 -15.78 -47.01 21.06
C TYR A 319 -16.66 -46.41 19.96
N VAL A 320 -16.13 -45.49 19.16
CA VAL A 320 -16.94 -44.74 18.17
C VAL A 320 -16.54 -44.95 16.72
N GLY A 321 -15.69 -45.93 16.44
CA GLY A 321 -15.27 -46.22 15.08
C GLY A 321 -14.16 -45.34 14.52
N SER A 322 -14.26 -44.98 13.24
CA SER A 322 -13.18 -44.28 12.55
C SER A 322 -13.09 -42.80 12.92
N ILE A 323 -11.87 -42.26 12.91
CA ILE A 323 -11.67 -40.83 13.11
C ILE A 323 -12.38 -40.01 12.03
N ARG A 324 -12.33 -40.49 10.79
N ARG A 324 -12.30 -40.50 10.79
CA ARG A 324 -12.99 -39.79 9.70
CA ARG A 324 -12.99 -39.93 9.65
C ARG A 324 -14.49 -39.61 9.95
C ARG A 324 -14.45 -39.63 9.96
N SER A 325 -15.16 -40.64 10.44
CA SER A 325 -16.61 -40.55 10.63
C SER A 325 -16.95 -39.62 11.76
N VAL A 326 -16.16 -39.68 12.83
CA VAL A 326 -16.34 -38.76 13.96
C VAL A 326 -16.14 -37.30 13.55
N VAL A 327 -15.05 -37.06 12.84
CA VAL A 327 -14.76 -35.70 12.37
C VAL A 327 -15.87 -35.23 11.41
N HIS A 328 -16.36 -36.14 10.58
CA HIS A 328 -17.42 -35.77 9.64
C HIS A 328 -18.65 -35.21 10.37
N GLN A 329 -19.07 -35.88 11.44
CA GLN A 329 -20.22 -35.44 12.20
C GLN A 329 -19.96 -34.12 12.92
N LEU A 330 -18.74 -33.96 13.44
CA LEU A 330 -18.37 -32.74 14.14
C LEU A 330 -18.39 -31.55 13.20
N LEU A 331 -17.74 -31.72 12.06
CA LEU A 331 -17.67 -30.65 11.08
C LEU A 331 -19.05 -30.33 10.50
N GLY A 332 -19.91 -31.33 10.38
CA GLY A 332 -21.26 -31.14 9.91
C GLY A 332 -22.05 -30.23 10.85
N GLY A 333 -21.84 -30.41 12.15
CA GLY A 333 -22.46 -29.53 13.15
C GLY A 333 -21.97 -28.09 13.06
N LEU A 334 -20.67 -27.93 12.80
CA LEU A 334 -20.10 -26.61 12.61
C LEU A 334 -20.70 -25.97 11.37
N ARG A 335 -20.74 -26.73 10.27
CA ARG A 335 -21.32 -26.24 9.02
C ARG A 335 -22.76 -25.81 9.20
N SER A 336 -23.53 -26.63 9.90
CA SER A 336 -24.92 -26.36 10.19
C SER A 336 -25.03 -25.04 10.95
N SER A 337 -24.20 -24.91 11.97
CA SER A 337 -24.16 -23.72 12.80
C SER A 337 -23.94 -22.43 12.00
N MET A 338 -22.92 -22.44 11.16
CA MET A 338 -22.57 -21.26 10.39
C MET A 338 -23.69 -20.92 9.42
N GLY A 339 -24.35 -21.97 8.94
CA GLY A 339 -25.52 -21.80 8.11
C GLY A 339 -26.58 -21.02 8.86
N TYR A 340 -26.91 -21.49 10.06
CA TYR A 340 -27.92 -20.82 10.89
C TYR A 340 -27.59 -19.36 11.16
N VAL A 341 -26.30 -19.07 11.23
CA VAL A 341 -25.85 -17.72 11.58
C VAL A 341 -25.67 -16.88 10.29
N GLY A 342 -25.49 -17.58 9.18
CA GLY A 342 -25.34 -16.90 7.90
C GLY A 342 -23.90 -16.59 7.57
N ALA A 343 -22.98 -17.32 8.20
CA ALA A 343 -21.57 -17.05 8.04
C ALA A 343 -21.01 -17.80 6.83
N LYS A 344 -20.23 -17.11 6.00
CA LYS A 344 -19.65 -17.74 4.82
C LYS A 344 -18.31 -18.38 5.17
N ASP A 345 -17.69 -17.92 6.25
CA ASP A 345 -16.42 -18.48 6.69
C ASP A 345 -16.20 -18.18 8.17
N ILE A 346 -15.12 -18.70 8.76
CA ILE A 346 -14.97 -18.59 10.22
C ILE A 346 -14.86 -17.14 10.68
N GLU A 347 -14.14 -16.33 9.93
CA GLU A 347 -13.95 -14.93 10.24
C GLU A 347 -15.29 -14.20 10.23
N ASP A 348 -16.12 -14.50 9.23
CA ASP A 348 -17.45 -13.92 9.10
C ASP A 348 -18.36 -14.41 10.22
N PHE A 349 -18.19 -15.68 10.58
CA PHE A 349 -18.89 -16.31 11.71
C PHE A 349 -18.63 -15.53 13.02
N GLN A 350 -17.38 -15.16 13.22
CA GLN A 350 -16.98 -14.49 14.44
C GLN A 350 -17.52 -13.07 14.52
N LYS A 351 -17.67 -12.40 13.38
CA LYS A 351 -18.18 -11.04 13.46
C LYS A 351 -19.72 -11.00 13.60
N ARG A 352 -20.40 -12.01 13.05
CA ARG A 352 -21.87 -12.06 13.08
C ARG A 352 -22.44 -12.60 14.38
N ALA A 353 -21.65 -13.43 15.05
CA ALA A 353 -22.14 -14.18 16.21
C ALA A 353 -22.74 -13.31 17.30
N GLU A 354 -23.98 -13.62 17.67
CA GLU A 354 -24.60 -13.07 18.87
C GLU A 354 -25.06 -14.20 19.79
N PHE A 355 -24.72 -14.10 21.07
CA PHE A 355 -25.14 -15.13 22.00
C PHE A 355 -26.36 -14.70 22.81
N VAL A 356 -27.07 -15.70 23.32
CA VAL A 356 -28.05 -15.46 24.35
C VAL A 356 -27.66 -16.35 25.54
N GLU A 357 -27.78 -15.81 26.75
CA GLU A 357 -27.60 -16.60 27.94
C GLU A 357 -28.89 -17.34 28.20
N ILE A 358 -28.80 -18.60 28.58
CA ILE A 358 -29.98 -19.38 28.90
C ILE A 358 -29.96 -19.86 30.35
N THR A 359 -31.05 -20.49 30.76
CA THR A 359 -31.15 -21.06 32.10
C THR A 359 -31.06 -22.58 32.09
N THR A 360 -30.93 -23.16 33.27
CA THR A 360 -31.00 -24.60 33.45
C THR A 360 -32.21 -25.22 32.73
N ALA A 361 -33.36 -24.58 32.85
CA ALA A 361 -34.58 -25.02 32.16
C ALA A 361 -34.41 -24.99 30.64
N GLY A 362 -33.72 -23.97 30.14
CA GLY A 362 -33.45 -23.84 28.72
C GLY A 362 -32.49 -24.91 28.21
N LEU A 363 -31.55 -25.32 29.06
CA LEU A 363 -30.64 -26.41 28.72
C LEU A 363 -31.42 -27.71 28.54
N LYS A 364 -32.36 -27.97 29.45
CA LYS A 364 -33.19 -29.16 29.35
C LYS A 364 -34.02 -29.17 28.06
N GLU A 365 -34.65 -28.04 27.77
CA GLU A 365 -35.44 -27.92 26.55
C GLU A 365 -34.55 -28.13 25.32
N SER A 366 -33.32 -27.65 25.39
CA SER A 366 -32.37 -27.82 24.31
C SER A 366 -32.03 -29.28 24.00
N HIS A 367 -31.76 -30.06 25.05
CA HIS A 367 -31.53 -31.48 24.90
C HIS A 367 -32.77 -32.24 24.48
N VAL A 368 -32.60 -33.51 24.19
CA VAL A 368 -33.76 -34.36 24.01
C VAL A 368 -34.49 -34.45 25.35
N HIS A 369 -35.81 -34.35 25.32
CA HIS A 369 -36.57 -34.39 26.54
C HIS A 369 -37.93 -35.05 26.29
N ASP A 370 -38.43 -35.80 27.28
CA ASP A 370 -39.79 -36.35 27.27
C ASP A 370 -40.04 -37.38 26.20
N VAL A 371 -38.98 -38.04 25.75
CA VAL A 371 -39.08 -39.09 24.76
C VAL A 371 -37.91 -39.99 25.07
N THR A 372 -38.12 -41.30 25.02
CA THR A 372 -37.01 -42.23 25.19
C THR A 372 -36.36 -42.58 23.83
N ILE A 373 -35.05 -42.39 23.73
CA ILE A 373 -34.32 -42.69 22.51
C ILE A 373 -34.24 -44.21 22.27
N THR A 374 -34.65 -44.66 21.08
CA THR A 374 -34.65 -46.10 20.74
C THR A 374 -33.60 -46.48 19.72
N HIS A 375 -33.23 -45.51 18.87
CA HIS A 375 -32.17 -45.68 17.89
C HIS A 375 -31.21 -44.50 18.08
N GLU A 376 -30.01 -44.76 18.55
CA GLU A 376 -29.11 -43.66 18.85
C GLU A 376 -28.60 -42.98 17.59
N ALA A 377 -28.48 -41.67 17.67
CA ALA A 377 -27.94 -40.86 16.59
C ALA A 377 -26.41 -40.87 16.66
N PRO A 378 -25.75 -40.73 15.50
CA PRO A 378 -24.29 -40.76 15.48
C PRO A 378 -23.69 -39.55 16.20
N ASN A 379 -24.40 -38.42 16.20
CA ASN A 379 -23.85 -37.19 16.73
C ASN A 379 -24.46 -36.69 18.06
N TYR A 380 -25.16 -37.56 18.77
CA TYR A 380 -25.81 -37.19 20.03
C TYR A 380 -26.03 -38.40 20.94
N LYS A 381 -25.15 -38.61 21.92
CA LYS A 381 -25.34 -39.71 22.84
C LYS A 381 -25.71 -39.23 24.25
N VAL A 382 -26.83 -39.74 24.75
CA VAL A 382 -27.35 -39.34 26.06
C VAL A 382 -27.17 -40.48 27.08
N ALA B 3 0.10 56.49 -46.73
CA ALA B 3 -1.33 56.81 -46.83
C ALA B 3 -2.10 56.30 -45.62
N MET B 4 -1.96 55.01 -45.31
CA MET B 4 -2.60 54.41 -44.13
C MET B 4 -2.08 55.07 -42.85
N LYS B 5 -2.85 54.95 -41.77
CA LYS B 5 -2.49 55.64 -40.55
C LYS B 5 -1.89 54.73 -39.49
N ILE B 6 -0.56 54.61 -39.50
CA ILE B 6 0.15 53.92 -38.44
C ILE B 6 0.34 54.89 -37.28
N VAL B 7 -0.30 54.58 -36.16
CA VAL B 7 -0.26 55.44 -34.98
C VAL B 7 1.11 55.38 -34.29
N LYS B 8 1.62 54.17 -34.07
CA LYS B 8 2.91 54.01 -33.40
C LYS B 8 3.58 52.67 -33.69
N ARG B 9 4.73 52.45 -33.08
CA ARG B 9 5.37 51.14 -33.12
C ARG B 9 5.27 50.54 -31.74
N ALA B 10 4.45 49.51 -31.59
CA ALA B 10 4.11 48.97 -30.27
C ALA B 10 5.00 47.81 -29.86
N LEU B 11 5.29 47.74 -28.57
CA LEU B 11 6.16 46.70 -28.04
C LEU B 11 5.44 45.81 -27.05
N THR B 12 6.03 44.64 -26.81
CA THR B 12 5.52 43.78 -25.77
C THR B 12 6.70 43.26 -24.94
N PHE B 13 6.42 42.36 -24.01
CA PHE B 13 7.39 41.97 -22.99
C PHE B 13 8.78 41.62 -23.51
N GLU B 14 8.85 40.66 -24.43
N GLU B 14 8.82 40.67 -24.44
CA GLU B 14 10.14 40.17 -24.94
CA GLU B 14 10.06 40.16 -24.99
C GLU B 14 10.97 41.28 -25.61
C GLU B 14 10.93 41.24 -25.65
N ASP B 15 10.33 42.39 -25.97
CA ASP B 15 11.05 43.52 -26.59
C ASP B 15 11.87 44.40 -25.65
N VAL B 16 11.67 44.26 -24.33
CA VAL B 16 12.32 45.15 -23.38
C VAL B 16 12.86 44.45 -22.11
N LEU B 17 13.81 45.11 -21.47
CA LEU B 17 14.34 44.69 -20.18
C LEU B 17 14.46 45.90 -19.26
N LEU B 18 14.40 45.65 -17.95
CA LEU B 18 14.67 46.68 -16.96
C LEU B 18 16.18 46.83 -16.71
N ARG B 19 16.62 48.08 -16.57
CA ARG B 19 18.00 48.39 -16.20
C ARG B 19 18.16 48.23 -14.70
N PRO B 20 19.28 47.62 -14.28
CA PRO B 20 19.47 47.54 -12.83
C PRO B 20 19.83 48.93 -12.32
N GLY B 21 19.48 49.22 -11.07
CA GLY B 21 19.81 50.49 -10.46
C GLY B 21 20.59 50.29 -9.17
N TYR B 22 21.00 51.37 -8.54
CA TYR B 22 21.65 51.28 -7.24
C TYR B 22 20.66 50.72 -6.22
N SER B 23 21.08 49.73 -5.45
CA SER B 23 20.18 49.04 -4.54
C SER B 23 20.70 48.98 -3.12
N GLU B 24 19.82 49.26 -2.17
CA GLU B 24 20.12 49.05 -0.75
C GLU B 24 19.08 48.14 -0.08
N VAL B 25 18.24 47.50 -0.89
CA VAL B 25 17.26 46.54 -0.38
C VAL B 25 17.46 45.16 -0.99
N LEU B 26 17.31 44.13 -0.16
CA LEU B 26 17.39 42.75 -0.62
C LEU B 26 16.00 42.29 -1.07
N PRO B 27 15.96 41.25 -1.92
CA PRO B 27 14.67 40.72 -2.38
C PRO B 27 13.73 40.33 -1.23
N LYS B 28 14.28 39.76 -0.17
CA LYS B 28 13.46 39.36 0.97
C LYS B 28 12.80 40.56 1.67
N GLU B 29 13.34 41.76 1.49
CA GLU B 29 12.95 42.94 2.28
C GLU B 29 11.90 43.82 1.63
N VAL B 30 11.77 43.72 0.32
CA VAL B 30 10.85 44.58 -0.43
C VAL B 30 9.38 44.27 -0.10
N LYS B 31 8.53 45.28 -0.27
CA LYS B 31 7.08 45.12 -0.07
C LYS B 31 6.38 44.95 -1.41
N ILE B 32 5.38 44.07 -1.47
CA ILE B 32 4.69 43.82 -2.73
C ILE B 32 3.17 43.93 -2.65
N HIS B 33 2.67 44.59 -1.61
CA HIS B 33 1.29 45.00 -1.54
C HIS B 33 0.98 45.91 -2.73
N THR B 34 -0.26 45.88 -3.19
CA THR B 34 -0.65 46.75 -4.29
C THR B 34 -2.15 46.99 -4.25
N LYS B 35 -2.65 47.88 -5.11
CA LYS B 35 -4.11 48.08 -5.19
C LYS B 35 -4.72 47.24 -6.33
N LEU B 36 -5.81 46.54 -6.03
CA LEU B 36 -6.62 45.88 -7.06
C LEU B 36 -7.52 46.93 -7.71
N THR B 37 -8.28 47.63 -6.86
CA THR B 37 -9.13 48.73 -7.29
C THR B 37 -8.85 49.90 -6.35
N LYS B 38 -9.55 51.01 -6.59
CA LYS B 38 -9.42 52.19 -5.75
C LYS B 38 -9.58 51.89 -4.25
N ASN B 39 -10.41 50.90 -3.92
CA ASN B 39 -10.73 50.62 -2.52
C ASN B 39 -10.25 49.28 -1.97
N ILE B 40 -9.80 48.39 -2.84
CA ILE B 40 -9.36 47.06 -2.37
C ILE B 40 -7.87 46.88 -2.52
N THR B 41 -7.23 46.40 -1.45
CA THR B 41 -5.78 46.21 -1.42
C THR B 41 -5.40 44.73 -1.46
N LEU B 42 -4.44 44.39 -2.32
CA LEU B 42 -3.85 43.04 -2.35
C LEU B 42 -2.56 42.98 -1.56
N ASN B 43 -2.23 41.81 -1.03
CA ASN B 43 -0.98 41.65 -0.31
C ASN B 43 0.14 41.19 -1.23
N MET B 44 -0.27 40.62 -2.36
CA MET B 44 0.65 40.36 -3.45
C MET B 44 -0.14 40.59 -4.76
N PRO B 45 0.56 40.88 -5.86
CA PRO B 45 -0.16 41.41 -7.03
C PRO B 45 -0.64 40.40 -8.11
N LEU B 46 -1.01 39.18 -7.73
CA LEU B 46 -1.47 38.21 -8.72
C LEU B 46 -2.96 37.89 -8.63
N ILE B 47 -3.60 37.81 -9.78
CA ILE B 47 -5.01 37.45 -9.88
C ILE B 47 -5.16 36.27 -10.85
N SER B 48 -5.90 35.25 -10.46
CA SER B 48 -6.10 34.10 -11.33
C SER B 48 -7.25 34.38 -12.29
N ALA B 49 -7.08 33.98 -13.55
CA ALA B 49 -8.01 34.32 -14.63
C ALA B 49 -9.42 33.77 -14.44
N ALA B 50 -10.41 34.48 -15.01
CA ALA B 50 -11.81 34.04 -14.94
C ALA B 50 -12.11 33.02 -16.02
N MET B 51 -11.54 31.83 -15.87
CA MET B 51 -11.64 30.80 -16.88
C MET B 51 -12.04 29.47 -16.25
N ASP B 52 -12.85 28.69 -16.96
CA ASP B 52 -13.36 27.43 -16.42
C ASP B 52 -12.30 26.31 -16.35
N THR B 53 -11.09 26.59 -16.81
CA THR B 53 -9.98 25.68 -16.55
C THR B 53 -8.98 26.31 -15.58
N VAL B 54 -9.35 27.39 -14.92
CA VAL B 54 -8.40 28.05 -14.02
C VAL B 54 -8.97 28.29 -12.62
N THR B 55 -10.07 29.02 -12.54
CA THR B 55 -10.54 29.50 -11.25
C THR B 55 -11.94 29.07 -10.88
N GLU B 56 -12.02 28.11 -9.96
CA GLU B 56 -13.25 27.90 -9.21
C GLU B 56 -12.91 28.09 -7.73
N HIS B 57 -13.71 27.56 -6.82
CA HIS B 57 -13.56 27.96 -5.42
C HIS B 57 -12.20 27.56 -4.85
N ARG B 58 -11.67 26.43 -5.26
CA ARG B 58 -10.41 25.97 -4.68
C ARG B 58 -9.23 26.85 -5.03
N ALA B 59 -9.12 27.24 -6.30
CA ALA B 59 -8.06 28.14 -6.71
C ALA B 59 -8.23 29.54 -6.09
N ALA B 60 -9.47 30.04 -6.06
CA ALA B 60 -9.75 31.36 -5.48
C ALA B 60 -9.37 31.40 -3.99
N ILE B 61 -9.65 30.32 -3.27
CA ILE B 61 -9.30 30.22 -1.85
C ILE B 61 -7.78 30.32 -1.66
N MET B 62 -7.05 29.57 -2.46
CA MET B 62 -5.59 29.53 -2.33
C MET B 62 -4.97 30.85 -2.76
N MET B 63 -5.45 31.41 -3.87
CA MET B 63 -5.01 32.74 -4.32
C MET B 63 -5.16 33.78 -3.20
N ALA B 64 -6.34 33.82 -2.57
CA ALA B 64 -6.60 34.82 -1.53
C ALA B 64 -5.75 34.56 -0.30
N ARG B 65 -5.60 33.30 0.06
CA ARG B 65 -4.76 32.94 1.20
C ARG B 65 -3.33 33.41 1.00
N LEU B 66 -2.89 33.41 -0.25
CA LEU B 66 -1.52 33.74 -0.60
C LEU B 66 -1.32 35.25 -0.78
N GLY B 67 -2.43 35.99 -0.82
CA GLY B 67 -2.38 37.45 -0.82
C GLY B 67 -3.04 38.10 -2.01
N GLY B 68 -3.29 37.31 -3.06
CA GLY B 68 -3.88 37.83 -4.27
C GLY B 68 -5.38 37.64 -4.29
N LEU B 69 -5.89 37.19 -5.42
CA LEU B 69 -7.31 37.10 -5.64
C LEU B 69 -7.61 36.12 -6.77
N GLY B 70 -8.71 35.41 -6.63
CA GLY B 70 -9.23 34.62 -7.74
C GLY B 70 -10.54 35.21 -8.20
N VAL B 71 -10.78 35.18 -9.50
CA VAL B 71 -12.07 35.57 -10.07
C VAL B 71 -12.82 34.34 -10.58
N ILE B 72 -13.95 34.04 -9.96
CA ILE B 72 -14.79 32.91 -10.39
C ILE B 72 -15.35 33.18 -11.79
N HIS B 73 -15.05 32.28 -12.73
CA HIS B 73 -15.53 32.43 -14.11
C HIS B 73 -17.06 32.41 -14.17
N LYS B 74 -17.61 32.85 -15.30
CA LYS B 74 -19.06 32.99 -15.43
C LYS B 74 -19.67 31.98 -16.37
N ASN B 75 -18.90 30.96 -16.73
CA ASN B 75 -19.44 29.90 -17.58
C ASN B 75 -20.16 28.84 -16.77
N MET B 76 -21.21 29.28 -16.08
CA MET B 76 -22.04 28.41 -15.25
C MET B 76 -23.24 29.25 -14.86
N ASP B 77 -24.30 28.63 -14.36
CA ASP B 77 -25.49 29.40 -14.04
C ASP B 77 -25.30 30.25 -12.79
N ILE B 78 -26.27 31.14 -12.55
CA ILE B 78 -26.17 32.08 -11.45
C ILE B 78 -26.03 31.35 -10.12
N ALA B 79 -26.92 30.40 -9.89
CA ALA B 79 -26.88 29.58 -8.68
C ALA B 79 -25.51 28.95 -8.41
N SER B 80 -24.88 28.39 -9.44
CA SER B 80 -23.57 27.75 -9.27
C SER B 80 -22.48 28.77 -8.95
N GLN B 81 -22.52 29.93 -9.61
CA GLN B 81 -21.50 30.91 -9.38
C GLN B 81 -21.58 31.43 -7.95
N VAL B 82 -22.82 31.63 -7.48
CA VAL B 82 -23.07 32.08 -6.11
C VAL B 82 -22.51 31.07 -5.10
N ARG B 83 -22.78 29.80 -5.34
CA ARG B 83 -22.26 28.72 -4.50
C ARG B 83 -20.74 28.73 -4.42
N GLU B 84 -20.08 28.98 -5.56
CA GLU B 84 -18.62 29.05 -5.57
C GLU B 84 -18.15 30.22 -4.72
N VAL B 85 -18.76 31.38 -4.94
CA VAL B 85 -18.42 32.57 -4.16
C VAL B 85 -18.59 32.33 -2.67
N LYS B 86 -19.70 31.73 -2.28
CA LYS B 86 -19.97 31.47 -0.86
C LYS B 86 -18.93 30.53 -0.28
N ARG B 87 -18.52 29.55 -1.06
CA ARG B 87 -17.49 28.61 -0.59
C ARG B 87 -16.16 29.33 -0.31
N VAL B 88 -15.85 30.36 -1.10
CA VAL B 88 -14.67 31.15 -0.80
C VAL B 88 -14.87 31.98 0.47
N LYS B 89 -15.99 32.70 0.55
CA LYS B 89 -16.29 33.56 1.69
C LYS B 89 -16.37 32.82 3.03
N LYS B 90 -16.50 31.50 2.99
CA LYS B 90 -16.69 30.73 4.20
C LYS B 90 -15.53 29.82 4.56
N SER B 91 -14.49 29.83 3.72
CA SER B 91 -13.33 28.98 3.93
C SER B 91 -12.71 29.13 5.33
N LYS B 103 -1.08 31.42 11.43
CA LYS B 103 0.35 31.52 11.14
C LYS B 103 0.64 30.90 9.80
N GLU B 104 -0.27 30.06 9.34
CA GLU B 104 -0.08 29.30 8.11
C GLU B 104 -0.22 30.19 6.88
N TYR B 105 -1.12 31.17 6.96
CA TYR B 105 -1.34 32.12 5.85
C TYR B 105 -1.31 33.58 6.32
N PRO B 106 -0.12 34.07 6.71
CA PRO B 106 -0.01 35.41 7.30
C PRO B 106 -0.26 36.55 6.32
N ASP B 107 -0.35 36.24 5.03
CA ASP B 107 -0.55 37.27 4.01
C ASP B 107 -1.93 37.23 3.40
N ALA B 108 -2.84 36.45 3.99
CA ALA B 108 -4.19 36.29 3.45
C ALA B 108 -4.87 37.61 3.14
N ASN B 109 -5.55 37.69 2.00
CA ASN B 109 -6.30 38.88 1.62
C ASN B 109 -7.76 38.76 2.07
N LYS B 110 -8.11 39.55 3.09
CA LYS B 110 -9.39 39.41 3.75
C LYS B 110 -10.19 40.71 3.74
N ASP B 111 -11.52 40.59 3.84
CA ASP B 111 -12.39 41.75 3.97
C ASP B 111 -12.45 42.21 5.42
N ASN B 112 -13.34 43.17 5.71
CA ASN B 112 -13.47 43.72 7.07
C ASN B 112 -14.07 42.76 8.08
N PHE B 113 -14.51 41.61 7.63
CA PHE B 113 -15.07 40.62 8.55
C PHE B 113 -14.13 39.43 8.77
N GLY B 114 -12.94 39.50 8.18
CA GLY B 114 -11.98 38.42 8.27
C GLY B 114 -12.17 37.33 7.20
N ARG B 115 -13.07 37.52 6.25
CA ARG B 115 -13.29 36.51 5.22
C ARG B 115 -12.40 36.74 4.01
N LEU B 116 -11.93 35.65 3.40
CA LEU B 116 -11.15 35.72 2.16
C LEU B 116 -11.92 36.52 1.11
N ARG B 117 -11.21 37.36 0.38
N ARG B 117 -11.20 37.36 0.37
CA ARG B 117 -11.83 38.13 -0.69
CA ARG B 117 -11.77 38.12 -0.72
C ARG B 117 -11.92 37.31 -1.98
C ARG B 117 -12.01 37.21 -1.92
N VAL B 118 -12.89 37.63 -2.81
CA VAL B 118 -13.11 36.89 -4.04
C VAL B 118 -13.77 37.79 -5.08
N GLY B 119 -13.41 37.57 -6.34
CA GLY B 119 -14.03 38.28 -7.44
C GLY B 119 -14.88 37.31 -8.23
N ALA B 120 -15.79 37.83 -9.04
CA ALA B 120 -16.59 36.98 -9.91
C ALA B 120 -16.87 37.70 -11.22
N ALA B 121 -16.75 36.96 -12.31
CA ALA B 121 -17.00 37.49 -13.66
C ALA B 121 -18.48 37.65 -14.00
N ILE B 122 -18.78 38.72 -14.74
CA ILE B 122 -20.11 38.96 -15.24
C ILE B 122 -20.00 39.48 -16.68
N GLY B 123 -21.11 39.41 -17.41
CA GLY B 123 -21.17 39.96 -18.76
C GLY B 123 -22.16 41.11 -18.88
N VAL B 124 -22.25 41.66 -20.09
CA VAL B 124 -23.16 42.76 -20.39
C VAL B 124 -24.60 42.38 -20.08
N GLY B 125 -25.33 43.31 -19.46
CA GLY B 125 -26.75 43.12 -19.20
C GLY B 125 -27.10 41.85 -18.45
N GLN B 126 -26.37 41.57 -17.38
CA GLN B 126 -26.66 40.43 -16.50
C GLN B 126 -26.88 40.96 -15.10
N MET B 127 -27.84 41.86 -14.94
CA MET B 127 -28.06 42.44 -13.62
C MET B 127 -28.46 41.39 -12.58
N ASP B 128 -29.24 40.39 -13.01
CA ASP B 128 -29.66 39.28 -12.15
C ASP B 128 -28.46 38.59 -11.50
N ARG B 129 -27.45 38.27 -12.29
CA ARG B 129 -26.25 37.64 -11.79
C ARG B 129 -25.52 38.58 -10.82
N VAL B 130 -25.51 39.87 -11.12
CA VAL B 130 -24.91 40.82 -10.19
C VAL B 130 -25.63 40.86 -8.84
N ASP B 131 -26.98 40.97 -8.88
CA ASP B 131 -27.77 40.99 -7.64
C ASP B 131 -27.45 39.81 -6.76
N ALA B 132 -27.46 38.62 -7.35
CA ALA B 132 -27.21 37.39 -6.61
C ALA B 132 -25.80 37.39 -6.01
N LEU B 133 -24.82 37.80 -6.82
CA LEU B 133 -23.45 37.89 -6.36
C LEU B 133 -23.28 38.85 -5.19
N VAL B 134 -23.92 40.01 -5.29
CA VAL B 134 -23.85 40.98 -4.20
C VAL B 134 -24.42 40.34 -2.93
N GLU B 135 -25.56 39.68 -3.06
CA GLU B 135 -26.19 38.98 -1.95
C GLU B 135 -25.25 37.97 -1.30
N ALA B 136 -24.45 37.31 -2.14
CA ALA B 136 -23.56 36.25 -1.67
C ALA B 136 -22.25 36.79 -1.06
N GLY B 137 -22.05 38.11 -1.13
CA GLY B 137 -20.92 38.73 -0.45
C GLY B 137 -19.64 38.90 -1.29
N VAL B 138 -19.81 38.99 -2.61
CA VAL B 138 -18.67 39.11 -3.51
C VAL B 138 -17.95 40.44 -3.30
N ASP B 139 -16.63 40.42 -3.27
CA ASP B 139 -15.88 41.64 -2.98
C ASP B 139 -15.73 42.53 -4.22
N VAL B 140 -15.59 41.90 -5.37
CA VAL B 140 -15.44 42.66 -6.59
C VAL B 140 -16.05 41.90 -7.77
N VAL B 141 -16.73 42.64 -8.61
CA VAL B 141 -17.35 42.09 -9.79
C VAL B 141 -16.48 42.49 -10.98
N VAL B 142 -16.29 41.56 -11.90
CA VAL B 142 -15.38 41.75 -13.03
C VAL B 142 -16.14 41.67 -14.35
N LEU B 143 -16.51 42.84 -14.86
CA LEU B 143 -17.33 42.93 -16.06
C LEU B 143 -16.45 42.73 -17.28
N ASP B 144 -16.53 41.56 -17.90
CA ASP B 144 -15.64 41.27 -19.01
C ASP B 144 -16.34 41.14 -20.35
N SER B 145 -15.74 41.76 -21.36
CA SER B 145 -16.16 41.61 -22.73
C SER B 145 -14.92 41.43 -23.60
N ALA B 146 -15.11 40.89 -24.79
CA ALA B 146 -14.03 40.82 -25.77
C ALA B 146 -13.61 42.25 -26.11
N HIS B 147 -14.56 43.17 -26.05
CA HIS B 147 -14.33 44.57 -26.39
C HIS B 147 -14.94 45.49 -25.34
N GLY B 148 -14.15 45.89 -24.36
CA GLY B 148 -14.65 46.69 -23.26
C GLY B 148 -15.00 48.11 -23.68
N HIS B 149 -14.38 48.58 -24.77
CA HIS B 149 -14.66 49.92 -25.27
C HIS B 149 -15.92 49.95 -26.13
N SER B 150 -17.06 49.66 -25.53
CA SER B 150 -18.32 49.61 -26.26
C SER B 150 -19.47 50.19 -25.46
N LYS B 151 -20.55 50.51 -26.14
CA LYS B 151 -21.75 51.03 -25.47
C LYS B 151 -22.34 50.03 -24.48
N GLY B 152 -22.44 48.77 -24.89
CA GLY B 152 -22.99 47.73 -24.05
C GLY B 152 -22.32 47.68 -22.69
N ILE B 153 -20.99 47.77 -22.69
CA ILE B 153 -20.21 47.72 -21.47
C ILE B 153 -20.36 48.98 -20.62
N ILE B 154 -20.25 50.13 -21.27
CA ILE B 154 -20.39 51.41 -20.59
C ILE B 154 -21.78 51.57 -19.95
N ASP B 155 -22.82 51.17 -20.67
CA ASP B 155 -24.18 51.18 -20.13
C ASP B 155 -24.31 50.24 -18.94
N THR B 156 -23.69 49.09 -19.03
CA THR B 156 -23.73 48.15 -17.93
C THR B 156 -23.01 48.74 -16.72
N VAL B 157 -21.86 49.36 -16.94
CA VAL B 157 -21.13 49.99 -15.84
C VAL B 157 -22.01 51.02 -15.12
N LYS B 158 -22.62 51.91 -15.90
CA LYS B 158 -23.44 52.97 -15.35
C LYS B 158 -24.62 52.41 -14.56
N ALA B 159 -25.20 51.33 -15.05
CA ALA B 159 -26.36 50.70 -14.39
C ALA B 159 -25.98 50.01 -13.09
N ILE B 160 -24.76 49.45 -13.02
CA ILE B 160 -24.30 48.79 -11.81
C ILE B 160 -23.94 49.82 -10.76
N LYS B 161 -23.25 50.87 -11.16
CA LYS B 161 -22.89 51.95 -10.24
C LYS B 161 -24.11 52.64 -9.64
N ALA B 162 -25.18 52.79 -10.44
CA ALA B 162 -26.40 53.44 -9.94
C ALA B 162 -27.07 52.60 -8.84
N LYS B 163 -27.14 51.30 -9.06
CA LYS B 163 -27.78 50.37 -8.13
C LYS B 163 -26.87 49.98 -6.95
N TYR B 164 -25.58 49.76 -7.21
CA TYR B 164 -24.65 49.44 -6.13
C TYR B 164 -23.43 50.36 -6.12
N PRO B 165 -23.59 51.58 -5.60
CA PRO B 165 -22.48 52.56 -5.66
C PRO B 165 -21.21 52.06 -4.97
N ASN B 166 -21.34 51.15 -4.02
CA ASN B 166 -20.19 50.70 -3.23
C ASN B 166 -19.56 49.38 -3.65
N LEU B 167 -20.18 48.72 -4.63
CA LEU B 167 -19.60 47.52 -5.21
C LEU B 167 -18.42 47.88 -6.10
N ASP B 168 -17.23 47.36 -5.78
CA ASP B 168 -16.07 47.54 -6.65
C ASP B 168 -16.29 46.88 -8.00
N LEU B 169 -15.97 47.60 -9.04
CA LEU B 169 -16.28 47.17 -10.39
C LEU B 169 -15.06 47.31 -11.29
N ILE B 170 -14.64 46.18 -11.86
CA ILE B 170 -13.54 46.13 -12.80
C ILE B 170 -14.17 45.91 -14.15
N ALA B 171 -13.77 46.69 -15.14
CA ALA B 171 -14.27 46.47 -16.49
C ALA B 171 -13.13 46.30 -17.47
N GLY B 172 -13.37 45.54 -18.53
CA GLY B 172 -12.33 45.22 -19.50
C GLY B 172 -12.97 44.37 -20.58
N ASN B 173 -12.21 43.99 -21.61
CA ASN B 173 -10.80 44.32 -21.73
C ASN B 173 -10.55 45.43 -22.75
N ILE B 174 -9.54 46.26 -22.50
CA ILE B 174 -9.23 47.40 -23.35
C ILE B 174 -7.76 47.38 -23.76
N ALA B 175 -7.38 48.24 -24.70
CA ALA B 175 -5.97 48.35 -25.09
C ALA B 175 -5.55 49.74 -25.55
N THR B 176 -6.39 50.75 -25.32
CA THR B 176 -6.06 52.11 -25.72
C THR B 176 -6.40 53.11 -24.64
N ALA B 177 -5.70 54.24 -24.68
CA ALA B 177 -5.95 55.38 -23.80
C ALA B 177 -7.39 55.89 -23.88
N ALA B 178 -7.91 56.00 -25.10
CA ALA B 178 -9.29 56.44 -25.30
C ALA B 178 -10.25 55.48 -24.59
N ALA B 179 -9.93 54.18 -24.64
CA ALA B 179 -10.75 53.20 -23.94
C ALA B 179 -10.64 53.34 -22.42
N ALA B 180 -9.44 53.57 -21.89
CA ALA B 180 -9.31 53.74 -20.45
C ALA B 180 -10.09 54.96 -19.96
N LYS B 181 -10.03 56.03 -20.75
CA LYS B 181 -10.71 57.27 -20.42
C LYS B 181 -12.23 57.07 -20.35
N ALA B 182 -12.79 56.38 -21.33
CA ALA B 182 -14.24 56.18 -21.41
C ALA B 182 -14.71 55.39 -20.20
N LEU B 183 -13.98 54.32 -19.89
CA LEU B 183 -14.32 53.49 -18.75
C LEU B 183 -14.17 54.25 -17.42
N CYS B 184 -13.07 54.98 -17.27
CA CYS B 184 -12.85 55.79 -16.07
C CYS B 184 -13.94 56.85 -15.91
N GLU B 185 -14.35 57.44 -17.02
CA GLU B 185 -15.40 58.45 -16.99
C GLU B 185 -16.73 57.85 -16.58
N ALA B 186 -16.90 56.55 -16.81
CA ALA B 186 -18.15 55.89 -16.48
C ALA B 186 -18.21 55.46 -15.00
N GLY B 187 -17.05 55.43 -14.35
CA GLY B 187 -16.99 55.21 -12.91
C GLY B 187 -16.39 53.89 -12.41
N VAL B 188 -15.72 53.15 -13.30
CA VAL B 188 -15.09 51.89 -12.90
C VAL B 188 -14.09 52.10 -11.77
N ASP B 189 -13.84 51.06 -11.00
CA ASP B 189 -12.86 51.14 -9.93
C ASP B 189 -11.51 50.56 -10.36
N ALA B 190 -11.49 49.85 -11.49
CA ALA B 190 -10.24 49.48 -12.16
C ALA B 190 -10.50 49.07 -13.61
N VAL B 191 -9.48 49.19 -14.45
CA VAL B 191 -9.59 48.75 -15.83
C VAL B 191 -8.66 47.58 -16.09
N LYS B 192 -9.11 46.69 -16.96
CA LYS B 192 -8.34 45.50 -17.26
C LYS B 192 -7.88 45.58 -18.72
N VAL B 193 -6.57 45.48 -18.91
CA VAL B 193 -5.95 45.72 -20.19
C VAL B 193 -5.49 44.41 -20.82
N GLY B 194 -5.81 44.24 -22.10
CA GLY B 194 -5.39 43.05 -22.81
C GLY B 194 -6.35 42.62 -23.90
N ILE B 195 -6.02 42.96 -25.13
CA ILE B 195 -6.76 42.51 -26.30
C ILE B 195 -5.82 41.66 -27.14
N GLY B 196 -5.98 40.35 -27.06
CA GLY B 196 -5.16 39.45 -27.85
C GLY B 196 -3.91 38.80 -27.26
N PRO B 197 -3.45 39.20 -26.05
CA PRO B 197 -2.14 38.59 -25.78
C PRO B 197 -2.21 37.24 -25.09
N GLY B 198 -3.42 36.79 -24.75
CA GLY B 198 -3.57 35.56 -23.97
C GLY B 198 -3.05 34.37 -24.74
N SER B 199 -2.39 33.45 -24.04
CA SER B 199 -1.82 32.23 -24.64
C SER B 199 -2.80 31.46 -25.53
N ILE B 200 -4.03 31.31 -25.06
CA ILE B 200 -5.03 30.57 -25.80
C ILE B 200 -5.84 31.45 -26.76
N CYS B 201 -5.38 32.67 -26.98
CA CYS B 201 -6.19 33.66 -27.69
C CYS B 201 -5.79 33.82 -29.16
N THR B 202 -6.78 33.92 -30.04
CA THR B 202 -6.53 34.06 -31.47
C THR B 202 -7.15 35.34 -32.05
N THR B 203 -7.77 36.13 -31.19
CA THR B 203 -8.36 37.42 -31.58
C THR B 203 -7.54 38.18 -32.62
N ARG B 204 -6.26 38.41 -32.34
CA ARG B 204 -5.46 39.22 -33.24
C ARG B 204 -5.31 38.59 -34.62
N ILE B 205 -5.42 37.27 -34.69
CA ILE B 205 -5.21 36.59 -35.95
C ILE B 205 -6.51 36.48 -36.74
N VAL B 206 -7.61 36.27 -36.02
CA VAL B 206 -8.93 36.09 -36.60
C VAL B 206 -9.52 37.43 -37.07
N SER B 207 -9.28 38.48 -36.32
CA SER B 207 -9.87 39.78 -36.63
C SER B 207 -8.85 40.84 -37.01
N GLY B 208 -7.56 40.57 -36.78
CA GLY B 208 -6.52 41.55 -37.09
C GLY B 208 -6.36 42.67 -36.06
N VAL B 209 -7.05 42.55 -34.93
CA VAL B 209 -7.14 43.64 -33.96
C VAL B 209 -6.43 43.31 -32.66
N GLY B 210 -5.66 44.28 -32.15
CA GLY B 210 -4.94 44.14 -30.89
C GLY B 210 -3.81 45.16 -30.74
N VAL B 211 -3.25 45.28 -29.54
CA VAL B 211 -2.09 46.13 -29.32
C VAL B 211 -1.15 45.35 -28.44
N PRO B 212 0.12 45.15 -28.87
CA PRO B 212 1.12 44.42 -28.07
C PRO B 212 1.10 44.87 -26.62
N GLN B 213 1.20 43.92 -25.69
CA GLN B 213 0.73 44.12 -24.32
C GLN B 213 1.46 45.19 -23.49
N ILE B 214 2.78 45.27 -23.61
CA ILE B 214 3.54 46.29 -22.90
C ILE B 214 3.14 47.71 -23.33
N SER B 215 2.97 47.90 -24.63
CA SER B 215 2.56 49.21 -25.14
C SER B 215 1.14 49.51 -24.68
N ALA B 216 0.28 48.50 -24.74
CA ALA B 216 -1.09 48.69 -24.30
C ALA B 216 -1.16 49.08 -22.83
N ILE B 217 -0.44 48.36 -21.99
CA ILE B 217 -0.37 48.72 -20.57
C ILE B 217 0.15 50.13 -20.41
N ASP B 218 1.25 50.44 -21.07
CA ASP B 218 1.82 51.78 -20.99
C ASP B 218 0.81 52.90 -21.29
N GLU B 219 0.07 52.78 -22.38
CA GLU B 219 -0.75 53.90 -22.77
C GLU B 219 -2.03 53.95 -21.95
N CYS B 220 -2.45 52.81 -21.42
CA CYS B 220 -3.67 52.76 -20.63
C CYS B 220 -3.43 53.29 -19.23
N VAL B 221 -2.28 52.92 -18.65
CA VAL B 221 -1.91 53.40 -17.32
C VAL B 221 -1.82 54.92 -17.28
N GLU B 222 -1.24 55.51 -18.32
CA GLU B 222 -1.03 56.95 -18.33
C GLU B 222 -2.36 57.70 -18.28
N GLU B 223 -3.35 57.20 -19.02
CA GLU B 223 -4.67 57.79 -18.96
C GLU B 223 -5.35 57.48 -17.61
N ALA B 224 -5.32 56.22 -17.19
CA ALA B 224 -6.02 55.77 -15.99
C ALA B 224 -5.51 56.46 -14.74
N ASN B 225 -4.21 56.73 -14.70
CA ASN B 225 -3.58 57.48 -13.61
C ASN B 225 -4.25 58.84 -13.36
N LYS B 226 -4.65 59.52 -14.42
CA LYS B 226 -5.34 60.81 -14.30
C LYS B 226 -6.59 60.73 -13.42
N PHE B 227 -7.15 59.52 -13.29
CA PHE B 227 -8.38 59.30 -12.52
C PHE B 227 -8.08 58.52 -11.24
N GLY B 228 -6.81 58.22 -11.01
CA GLY B 228 -6.44 57.38 -9.88
C GLY B 228 -7.02 55.97 -9.97
N VAL B 229 -7.28 55.52 -11.19
CA VAL B 229 -7.82 54.18 -11.41
C VAL B 229 -6.69 53.19 -11.74
N PRO B 230 -6.59 52.10 -10.97
CA PRO B 230 -5.57 51.05 -11.14
C PRO B 230 -5.78 50.29 -12.44
N VAL B 231 -4.71 49.70 -12.95
CA VAL B 231 -4.76 48.94 -14.18
C VAL B 231 -4.33 47.49 -13.93
N ILE B 232 -5.15 46.57 -14.37
CA ILE B 232 -4.80 45.17 -14.33
C ILE B 232 -4.27 44.71 -15.68
N ALA B 233 -3.02 44.24 -15.68
CA ALA B 233 -2.39 43.70 -16.89
C ALA B 233 -2.82 42.24 -17.07
N ASP B 234 -3.64 41.99 -18.08
CA ASP B 234 -4.26 40.67 -18.22
C ASP B 234 -3.88 39.92 -19.50
N GLY B 235 -3.10 38.84 -19.35
CA GLY B 235 -2.80 37.97 -20.47
C GLY B 235 -1.40 38.13 -21.01
N GLY B 236 -0.85 37.07 -21.62
CA GLY B 236 0.45 37.16 -22.25
C GLY B 236 1.63 36.95 -21.31
N ILE B 237 1.38 36.75 -20.03
CA ILE B 237 2.47 36.56 -19.07
C ILE B 237 3.04 35.15 -19.19
N LYS B 238 4.31 35.03 -19.55
CA LYS B 238 4.91 33.70 -19.71
C LYS B 238 5.89 33.34 -18.58
N TYR B 239 6.57 34.34 -18.03
CA TYR B 239 7.55 34.11 -16.95
C TYR B 239 7.41 35.17 -15.87
N SER B 240 8.05 34.93 -14.72
CA SER B 240 8.05 35.90 -13.62
C SER B 240 8.61 37.27 -14.07
N GLY B 241 9.59 37.26 -14.95
CA GLY B 241 10.11 38.52 -15.48
C GLY B 241 9.04 39.40 -16.10
N ASP B 242 7.99 38.79 -16.62
CA ASP B 242 6.96 39.54 -17.32
C ASP B 242 6.05 40.23 -16.32
N ILE B 243 5.88 39.62 -15.14
CA ILE B 243 5.09 40.24 -14.10
C ILE B 243 5.81 41.49 -13.66
N ALA B 244 7.11 41.34 -13.41
CA ALA B 244 7.95 42.47 -13.04
C ALA B 244 7.84 43.60 -14.06
N LYS B 245 8.01 43.27 -15.34
CA LYS B 245 7.92 44.30 -16.38
C LYS B 245 6.55 44.98 -16.43
N ALA B 246 5.49 44.19 -16.32
CA ALA B 246 4.13 44.75 -16.36
C ALA B 246 3.90 45.74 -15.24
N LEU B 247 4.36 45.38 -14.04
CA LEU B 247 4.18 46.25 -12.88
C LEU B 247 5.07 47.47 -13.05
N ALA B 248 6.32 47.23 -13.45
CA ALA B 248 7.30 48.28 -13.63
C ALA B 248 6.77 49.37 -14.56
N VAL B 249 6.07 48.95 -15.59
CA VAL B 249 5.57 49.91 -16.57
C VAL B 249 4.33 50.63 -16.03
N GLY B 250 3.77 50.15 -14.91
CA GLY B 250 2.73 50.90 -14.20
C GLY B 250 1.40 50.18 -13.91
N ALA B 251 1.26 48.93 -14.35
CA ALA B 251 0.09 48.16 -13.94
C ALA B 251 0.16 47.95 -12.43
N SER B 252 -1.00 47.85 -11.78
CA SER B 252 -1.05 47.64 -10.34
C SER B 252 -1.13 46.16 -10.02
N SER B 253 -1.68 45.39 -10.94
CA SER B 253 -1.74 43.95 -10.73
C SER B 253 -1.75 43.22 -12.06
N VAL B 254 -1.56 41.92 -11.98
CA VAL B 254 -1.40 41.11 -13.17
C VAL B 254 -2.38 39.95 -13.09
N MET B 255 -3.06 39.67 -14.20
CA MET B 255 -3.98 38.54 -14.23
C MET B 255 -3.38 37.41 -15.06
N ILE B 256 -3.40 36.22 -14.49
CA ILE B 256 -2.69 35.10 -15.08
C ILE B 256 -3.61 33.91 -15.32
N GLY B 257 -3.45 33.28 -16.49
CA GLY B 257 -4.23 32.11 -16.87
C GLY B 257 -3.38 30.86 -17.02
N SER B 258 -2.63 30.75 -18.12
CA SER B 258 -1.88 29.53 -18.41
C SER B 258 -0.94 29.09 -17.28
N LEU B 259 -0.28 30.04 -16.62
CA LEU B 259 0.66 29.71 -15.55
C LEU B 259 -0.02 29.07 -14.33
N LEU B 260 -1.33 29.24 -14.20
CA LEU B 260 -2.05 28.64 -13.08
C LEU B 260 -2.91 27.46 -13.50
N ALA B 261 -2.99 27.25 -14.81
CA ALA B 261 -3.90 26.24 -15.35
C ALA B 261 -3.51 24.79 -15.05
N GLY B 262 -2.23 24.52 -14.81
CA GLY B 262 -1.78 23.14 -14.63
C GLY B 262 -1.61 22.79 -13.18
N THR B 263 -2.33 23.48 -12.30
CA THR B 263 -2.14 23.29 -10.87
C THR B 263 -3.20 22.36 -10.29
N ASP B 264 -2.92 21.84 -9.09
CA ASP B 264 -3.84 20.95 -8.39
C ASP B 264 -5.19 21.62 -8.24
N GLU B 265 -5.17 22.89 -7.86
CA GLU B 265 -6.38 23.57 -7.44
C GLU B 265 -7.28 23.98 -8.59
N SER B 266 -6.73 24.01 -9.80
CA SER B 266 -7.52 24.47 -10.93
C SER B 266 -8.51 23.36 -11.21
N PRO B 267 -9.67 23.69 -11.80
CA PRO B 267 -10.62 22.61 -12.10
C PRO B 267 -10.08 21.65 -13.15
N GLY B 268 -10.63 20.45 -13.17
CA GLY B 268 -10.21 19.46 -14.12
C GLY B 268 -9.32 18.44 -13.45
N GLU B 269 -9.05 17.35 -14.15
CA GLU B 269 -8.18 16.33 -13.62
C GLU B 269 -6.91 16.24 -14.43
N LEU B 270 -5.88 15.81 -13.74
CA LEU B 270 -4.58 15.56 -14.33
C LEU B 270 -4.72 14.34 -15.25
N PHE B 271 -4.07 14.37 -16.41
CA PHE B 271 -3.94 13.18 -17.23
C PHE B 271 -2.52 13.03 -17.75
N THR B 272 -2.18 11.84 -18.24
CA THR B 272 -0.84 11.57 -18.74
C THR B 272 -0.91 11.19 -20.21
N TYR B 273 -0.02 11.77 -21.00
CA TYR B 273 0.02 11.54 -22.44
C TYR B 273 1.49 11.47 -22.84
N GLN B 274 1.88 10.36 -23.45
CA GLN B 274 3.26 10.13 -23.85
C GLN B 274 4.27 10.54 -22.78
N GLY B 275 4.09 10.01 -21.58
CA GLY B 275 5.06 10.18 -20.51
C GLY B 275 5.06 11.51 -19.79
N ARG B 276 4.16 12.41 -20.17
CA ARG B 276 4.08 13.72 -19.51
C ARG B 276 2.71 13.96 -18.90
N GLN B 277 2.67 14.77 -17.84
CA GLN B 277 1.40 15.09 -17.20
C GLN B 277 0.90 16.48 -17.57
N TYR B 278 -0.42 16.56 -17.77
CA TYR B 278 -1.05 17.77 -18.26
C TYR B 278 -2.38 18.00 -17.58
N LYS B 279 -2.86 19.23 -17.69
CA LYS B 279 -4.28 19.53 -17.49
C LYS B 279 -4.81 20.23 -18.73
N SER B 280 -6.12 20.19 -18.94
CA SER B 280 -6.74 20.98 -20.00
C SER B 280 -6.69 22.46 -19.68
N TYR B 281 -6.56 23.27 -20.73
CA TYR B 281 -6.58 24.72 -20.62
C TYR B 281 -7.16 25.24 -21.92
N ARG B 282 -8.18 26.09 -21.84
CA ARG B 282 -8.87 26.49 -23.06
C ARG B 282 -9.42 27.90 -22.94
N GLY B 283 -9.47 28.59 -24.08
CA GLY B 283 -10.01 29.92 -24.12
C GLY B 283 -11.50 29.85 -23.92
N MET B 284 -12.05 30.88 -23.26
CA MET B 284 -13.49 31.01 -23.12
C MET B 284 -14.16 31.37 -24.45
N GLY B 285 -13.35 31.84 -25.41
CA GLY B 285 -13.84 32.10 -26.75
C GLY B 285 -13.61 30.92 -27.70
N SER B 286 -13.21 29.78 -27.16
CA SER B 286 -13.06 28.59 -27.98
C SER B 286 -14.39 27.84 -28.13
N LEU B 287 -14.47 27.00 -29.14
CA LEU B 287 -15.72 26.28 -29.45
C LEU B 287 -16.17 25.43 -28.29
N GLY B 288 -15.23 24.71 -27.67
CA GLY B 288 -15.53 23.86 -26.54
C GLY B 288 -16.24 24.60 -25.43
N ALA B 289 -15.68 25.74 -25.05
CA ALA B 289 -16.20 26.51 -23.91
C ALA B 289 -17.56 27.15 -24.18
N MET B 290 -17.80 27.54 -25.43
CA MET B 290 -19.08 28.16 -25.79
C MET B 290 -20.17 27.14 -26.04
N GLN B 291 -19.89 25.86 -25.88
CA GLN B 291 -20.91 24.82 -26.05
C GLN B 291 -21.24 24.16 -24.71
N LYS B 307 -22.97 28.48 -37.57
CA LYS B 307 -21.88 28.03 -36.69
C LYS B 307 -21.06 29.20 -36.12
N LEU B 308 -20.37 28.96 -35.01
CA LEU B 308 -19.65 30.01 -34.29
C LEU B 308 -18.26 30.30 -34.87
N VAL B 309 -17.79 31.54 -34.67
CA VAL B 309 -16.44 31.93 -35.07
C VAL B 309 -15.62 32.22 -33.83
N PRO B 310 -14.82 31.23 -33.40
CA PRO B 310 -14.07 31.34 -32.13
C PRO B 310 -12.93 32.34 -32.15
N GLU B 311 -12.46 32.72 -30.96
CA GLU B 311 -11.36 33.65 -30.81
C GLU B 311 -10.38 33.09 -29.76
N GLY B 312 -10.45 31.78 -29.59
CA GLY B 312 -9.57 31.05 -28.72
C GLY B 312 -9.53 29.57 -29.10
N ILE B 313 -8.59 28.83 -28.54
CA ILE B 313 -8.49 27.42 -28.83
C ILE B 313 -8.62 26.59 -27.57
N GLU B 314 -8.72 25.28 -27.74
CA GLU B 314 -8.64 24.34 -26.63
C GLU B 314 -7.29 23.65 -26.59
N GLY B 315 -6.63 23.67 -25.44
CA GLY B 315 -5.30 23.12 -25.37
C GLY B 315 -4.99 22.32 -24.12
N ARG B 316 -3.71 22.01 -23.93
CA ARG B 316 -3.21 21.43 -22.70
C ARG B 316 -1.93 22.16 -22.30
N VAL B 317 -1.71 22.25 -20.99
CA VAL B 317 -0.49 22.75 -20.38
C VAL B 317 0.04 21.67 -19.45
N PRO B 318 1.36 21.67 -19.20
CA PRO B 318 2.00 20.74 -18.27
C PRO B 318 1.41 20.83 -16.88
N TYR B 319 1.27 19.70 -16.19
CA TYR B 319 0.92 19.72 -14.76
C TYR B 319 2.10 20.28 -13.97
N VAL B 320 1.85 21.27 -13.11
CA VAL B 320 2.95 21.90 -12.35
C VAL B 320 2.82 21.81 -10.84
N GLY B 321 1.88 21.01 -10.36
CA GLY B 321 1.71 20.84 -8.92
C GLY B 321 0.90 21.93 -8.25
N SER B 322 1.31 22.33 -7.05
CA SER B 322 0.52 23.24 -6.23
C SER B 322 0.57 24.68 -6.73
N ILE B 323 -0.53 25.39 -6.57
CA ILE B 323 -0.59 26.80 -6.85
C ILE B 323 0.42 27.53 -5.95
N ARG B 324 0.52 27.07 -4.71
CA ARG B 324 1.44 27.67 -3.78
C ARG B 324 2.88 27.66 -4.33
N SER B 325 3.30 26.57 -4.93
CA SER B 325 4.67 26.47 -5.43
C SER B 325 4.88 27.37 -6.66
N VAL B 326 3.87 27.48 -7.49
CA VAL B 326 3.96 28.38 -8.64
C VAL B 326 4.05 29.83 -8.17
N VAL B 327 3.14 30.21 -7.28
CA VAL B 327 3.05 31.59 -6.86
C VAL B 327 4.35 32.02 -6.21
N HIS B 328 4.89 31.13 -5.40
CA HIS B 328 6.13 31.40 -4.70
C HIS B 328 7.27 31.66 -5.68
N GLN B 329 7.34 30.89 -6.76
CA GLN B 329 8.38 31.12 -7.76
C GLN B 329 8.16 32.45 -8.47
N LEU B 330 6.91 32.73 -8.82
CA LEU B 330 6.56 33.98 -9.49
C LEU B 330 6.93 35.18 -8.63
N LEU B 331 6.48 35.18 -7.39
CA LEU B 331 6.76 36.31 -6.51
C LEU B 331 8.25 36.48 -6.24
N GLY B 332 9.00 35.38 -6.20
CA GLY B 332 10.43 35.43 -6.01
C GLY B 332 11.10 36.14 -7.18
N GLY B 333 10.60 35.88 -8.39
CA GLY B 333 11.10 36.57 -9.57
C GLY B 333 10.89 38.06 -9.42
N LEU B 334 9.68 38.43 -9.00
CA LEU B 334 9.35 39.84 -8.83
C LEU B 334 10.27 40.49 -7.79
N ARG B 335 10.44 39.82 -6.65
CA ARG B 335 11.30 40.31 -5.58
C ARG B 335 12.73 40.54 -6.05
N SER B 336 13.26 39.60 -6.83
CA SER B 336 14.62 39.78 -7.31
C SER B 336 14.66 40.98 -8.26
N SER B 337 13.64 41.10 -9.10
CA SER B 337 13.54 42.25 -9.98
C SER B 337 13.62 43.55 -9.19
N MET B 338 12.81 43.64 -8.13
CA MET B 338 12.78 44.83 -7.30
C MET B 338 14.10 45.11 -6.62
N GLY B 339 14.75 44.04 -6.17
CA GLY B 339 16.09 44.16 -5.62
C GLY B 339 17.09 44.72 -6.62
N TYR B 340 17.04 44.27 -7.87
CA TYR B 340 17.99 44.74 -8.88
C TYR B 340 17.78 46.22 -9.16
N VAL B 341 16.53 46.65 -9.08
CA VAL B 341 16.14 48.01 -9.43
C VAL B 341 16.34 48.92 -8.23
N GLY B 342 16.41 48.33 -7.05
CA GLY B 342 16.64 49.08 -5.82
C GLY B 342 15.34 49.62 -5.22
N ALA B 343 14.22 48.97 -5.56
CA ALA B 343 12.92 49.41 -5.14
C ALA B 343 12.47 48.73 -3.84
N LYS B 344 11.90 49.51 -2.91
CA LYS B 344 11.47 49.00 -1.61
C LYS B 344 10.02 48.55 -1.59
N ASP B 345 9.22 49.10 -2.49
CA ASP B 345 7.84 48.68 -2.69
C ASP B 345 7.44 48.95 -4.14
N ILE B 346 6.22 48.55 -4.50
CA ILE B 346 5.80 48.64 -5.89
C ILE B 346 5.76 50.06 -6.45
N GLU B 347 5.28 50.99 -5.63
CA GLU B 347 5.16 52.37 -6.08
C GLU B 347 6.55 52.91 -6.40
N ASP B 348 7.52 52.58 -5.55
CA ASP B 348 8.90 52.96 -5.75
C ASP B 348 9.46 52.29 -7.02
N PHE B 349 9.04 51.05 -7.25
CA PHE B 349 9.46 50.25 -8.40
C PHE B 349 9.08 50.97 -9.68
N GLN B 350 7.84 51.45 -9.74
CA GLN B 350 7.34 52.15 -10.91
C GLN B 350 8.04 53.47 -11.12
N LYS B 351 8.36 54.14 -10.02
CA LYS B 351 9.06 55.41 -10.10
C LYS B 351 10.50 55.26 -10.64
N ARG B 352 11.17 54.19 -10.23
CA ARG B 352 12.56 53.99 -10.61
C ARG B 352 12.75 53.31 -11.96
N ALA B 353 11.73 52.62 -12.44
CA ALA B 353 11.90 51.72 -13.59
C ALA B 353 12.41 52.42 -14.83
N GLU B 354 13.49 51.90 -15.38
CA GLU B 354 13.98 52.36 -16.65
C GLU B 354 14.20 51.17 -17.55
N PHE B 355 13.66 51.24 -18.75
CA PHE B 355 13.73 50.13 -19.67
C PHE B 355 14.76 50.37 -20.75
N VAL B 356 15.20 49.27 -21.35
CA VAL B 356 15.93 49.34 -22.59
C VAL B 356 15.19 48.43 -23.58
N GLU B 357 15.18 48.82 -24.85
CA GLU B 357 14.59 48.00 -25.88
C GLU B 357 15.70 47.11 -26.42
N ILE B 358 15.39 45.84 -26.64
CA ILE B 358 16.39 44.89 -27.15
C ILE B 358 16.01 44.29 -28.52
N THR B 359 16.97 43.63 -29.15
CA THR B 359 16.74 42.95 -30.42
C THR B 359 16.53 41.46 -30.21
N THR B 360 16.20 40.79 -31.30
CA THR B 360 16.10 39.34 -31.33
C THR B 360 17.35 38.63 -30.77
N ALA B 361 18.52 39.10 -31.17
CA ALA B 361 19.78 38.55 -30.67
C ALA B 361 19.94 38.73 -29.15
N GLY B 362 19.41 39.84 -28.63
CA GLY B 362 19.43 40.10 -27.19
C GLY B 362 18.44 39.23 -26.43
N LEU B 363 17.30 38.95 -27.04
CA LEU B 363 16.34 37.98 -26.47
C LEU B 363 16.97 36.58 -26.37
N LYS B 364 17.61 36.16 -27.46
CA LYS B 364 18.27 34.88 -27.49
C LYS B 364 19.39 34.81 -26.45
N GLU B 365 20.14 35.91 -26.28
CA GLU B 365 21.17 35.99 -25.26
C GLU B 365 20.59 35.96 -23.83
N SER B 366 19.39 36.49 -23.67
CA SER B 366 18.74 36.50 -22.36
C SER B 366 18.31 35.10 -21.93
N HIS B 367 17.79 34.32 -22.90
CA HIS B 367 17.41 32.95 -22.62
C HIS B 367 18.65 32.10 -22.38
N VAL B 368 18.43 30.88 -21.92
CA VAL B 368 19.51 29.91 -21.84
C VAL B 368 19.94 29.62 -23.27
N HIS B 369 21.24 29.68 -23.56
CA HIS B 369 21.72 29.43 -24.92
C HIS B 369 23.00 28.62 -24.87
N ASP B 370 23.21 27.79 -25.90
CA ASP B 370 24.47 27.06 -26.08
C ASP B 370 24.79 26.15 -24.90
N VAL B 371 23.77 25.48 -24.39
CA VAL B 371 23.97 24.51 -23.33
C VAL B 371 22.65 23.74 -23.27
N THR B 372 22.72 22.43 -23.17
CA THR B 372 21.52 21.63 -23.06
C THR B 372 21.15 21.43 -21.62
N ILE B 373 19.92 21.83 -21.29
CA ILE B 373 19.42 21.71 -19.93
C ILE B 373 19.23 20.23 -19.54
N THR B 374 19.85 19.82 -18.44
CA THR B 374 19.77 18.42 -17.99
C THR B 374 18.83 18.20 -16.78
N HIS B 375 18.79 19.15 -15.86
CA HIS B 375 17.76 19.21 -14.81
C HIS B 375 17.00 20.52 -14.92
N GLU B 376 15.69 20.48 -15.13
CA GLU B 376 14.93 21.70 -15.32
C GLU B 376 14.72 22.50 -14.04
N ALA B 377 14.84 23.82 -14.16
CA ALA B 377 14.60 24.75 -13.07
C ALA B 377 13.09 24.88 -12.85
N PRO B 378 12.69 25.14 -11.60
CA PRO B 378 11.26 25.25 -11.29
C PRO B 378 10.61 26.53 -11.79
N ASN B 379 11.42 27.50 -12.21
CA ASN B 379 10.88 28.79 -12.61
C ASN B 379 11.27 29.17 -14.03
N TYR B 380 11.77 28.19 -14.78
CA TYR B 380 12.18 28.39 -16.18
C TYR B 380 12.08 27.10 -16.99
N LYS B 381 11.20 27.10 -18.00
CA LYS B 381 11.05 25.95 -18.89
C LYS B 381 11.44 26.26 -20.34
N VAL B 382 11.43 25.25 -21.19
CA VAL B 382 11.83 25.42 -22.58
C VAL B 382 11.05 24.51 -23.55
N MET C 4 28.12 -28.92 -31.62
CA MET C 4 27.49 -27.88 -30.78
C MET C 4 26.42 -28.50 -29.89
N LYS C 5 26.58 -28.33 -28.58
CA LYS C 5 25.65 -28.93 -27.62
C LYS C 5 24.56 -27.97 -27.20
N ILE C 6 23.37 -28.14 -27.79
CA ILE C 6 22.19 -27.37 -27.44
C ILE C 6 21.25 -28.18 -26.56
N VAL C 7 21.11 -27.73 -25.31
CA VAL C 7 20.34 -28.45 -24.30
C VAL C 7 18.82 -28.30 -24.47
N LYS C 8 18.39 -27.15 -24.95
CA LYS C 8 16.95 -26.90 -25.10
C LYS C 8 16.68 -25.59 -25.87
N ARG C 9 15.43 -25.38 -26.23
CA ARG C 9 14.99 -24.05 -26.63
C ARG C 9 14.27 -23.39 -25.46
N ALA C 10 14.84 -22.32 -24.94
CA ALA C 10 14.33 -21.72 -23.72
C ALA C 10 13.46 -20.51 -23.99
N LEU C 11 12.43 -20.34 -23.16
CA LEU C 11 11.43 -19.30 -23.34
C LEU C 11 11.51 -18.28 -22.21
N THR C 12 10.99 -17.08 -22.45
CA THR C 12 10.86 -16.09 -21.39
C THR C 12 9.40 -15.61 -21.32
N PHE C 13 9.08 -14.71 -20.39
CA PHE C 13 7.68 -14.29 -20.17
C PHE C 13 6.86 -13.97 -21.43
N GLU C 14 7.45 -13.20 -22.33
CA GLU C 14 6.72 -12.72 -23.49
C GLU C 14 6.47 -13.83 -24.52
N ASP C 15 7.06 -14.99 -24.29
CA ASP C 15 6.79 -16.17 -25.13
C ASP C 15 5.54 -16.97 -24.73
N VAL C 16 4.93 -16.67 -23.58
CA VAL C 16 3.84 -17.54 -23.13
C VAL C 16 2.65 -16.78 -22.55
N LEU C 17 1.53 -17.47 -22.45
CA LEU C 17 0.35 -16.94 -21.76
C LEU C 17 -0.32 -18.04 -20.95
N LEU C 18 -0.99 -17.65 -19.88
CA LEU C 18 -1.81 -18.58 -19.12
C LEU C 18 -3.18 -18.71 -19.77
N ARG C 19 -3.69 -19.93 -19.80
CA ARG C 19 -5.03 -20.19 -20.27
C ARG C 19 -6.02 -19.95 -19.15
N PRO C 20 -7.14 -19.29 -19.45
CA PRO C 20 -8.15 -19.16 -18.39
C PRO C 20 -8.78 -20.52 -18.13
N GLY C 21 -9.23 -20.72 -16.90
CA GLY C 21 -9.93 -21.96 -16.54
C GLY C 21 -11.22 -21.65 -15.82
N TYR C 22 -11.98 -22.69 -15.48
CA TYR C 22 -13.23 -22.50 -14.74
C TYR C 22 -12.98 -21.82 -13.39
N SER C 23 -13.71 -20.73 -13.15
CA SER C 23 -13.47 -19.95 -11.95
C SER C 23 -14.71 -19.79 -11.08
N GLU C 24 -14.53 -19.93 -9.76
CA GLU C 24 -15.57 -19.65 -8.77
C GLU C 24 -15.13 -18.59 -7.79
N VAL C 25 -13.95 -18.00 -8.03
CA VAL C 25 -13.46 -16.97 -7.12
C VAL C 25 -13.33 -15.64 -7.85
N LEU C 26 -13.74 -14.56 -7.19
CA LEU C 26 -13.52 -13.22 -7.73
C LEU C 26 -12.11 -12.84 -7.35
N PRO C 27 -11.48 -11.94 -8.13
CA PRO C 27 -10.12 -11.45 -7.87
C PRO C 27 -9.89 -10.99 -6.44
N LYS C 28 -10.87 -10.33 -5.84
CA LYS C 28 -10.73 -9.85 -4.48
C LYS C 28 -10.73 -10.97 -3.42
N GLU C 29 -11.23 -12.15 -3.78
CA GLU C 29 -11.37 -13.26 -2.83
C GLU C 29 -10.11 -14.12 -2.69
N VAL C 30 -9.26 -14.11 -3.70
CA VAL C 30 -8.08 -14.98 -3.72
C VAL C 30 -7.02 -14.58 -2.68
N LYS C 31 -6.28 -15.57 -2.19
CA LYS C 31 -5.26 -15.34 -1.19
C LYS C 31 -3.91 -15.28 -1.86
N ILE C 32 -3.06 -14.36 -1.42
CA ILE C 32 -1.77 -14.21 -2.05
C ILE C 32 -0.60 -14.31 -1.08
N HIS C 33 -0.83 -14.94 0.06
N HIS C 33 -0.85 -14.94 0.07
CA HIS C 33 0.26 -15.23 0.99
CA HIS C 33 0.23 -15.27 1.00
C HIS C 33 1.19 -16.24 0.33
C HIS C 33 1.19 -16.24 0.32
N THR C 34 2.46 -16.23 0.73
CA THR C 34 3.43 -17.13 0.12
C THR C 34 4.63 -17.36 1.03
N LYS C 35 5.57 -18.19 0.58
CA LYS C 35 6.78 -18.44 1.34
C LYS C 35 7.95 -17.65 0.75
N LEU C 36 8.69 -16.98 1.63
CA LEU C 36 9.94 -16.33 1.25
C LEU C 36 11.07 -17.34 1.31
N THR C 37 11.21 -17.98 2.46
CA THR C 37 12.19 -19.04 2.64
C THR C 37 11.49 -20.25 3.21
N LYS C 38 12.25 -21.29 3.54
CA LYS C 38 11.67 -22.48 4.14
C LYS C 38 10.86 -22.13 5.38
N ASN C 39 11.30 -21.11 6.12
CA ASN C 39 10.74 -20.81 7.43
C ASN C 39 10.12 -19.43 7.60
N ILE C 40 10.07 -18.65 6.52
CA ILE C 40 9.54 -17.29 6.60
C ILE C 40 8.45 -17.05 5.57
N THR C 41 7.33 -16.50 6.03
CA THR C 41 6.15 -16.28 5.21
C THR C 41 6.12 -14.83 4.69
N LEU C 42 5.47 -14.61 3.55
CA LEU C 42 5.15 -13.27 3.06
C LEU C 42 3.65 -13.15 2.98
N ASN C 43 3.13 -11.92 3.05
CA ASN C 43 1.69 -11.73 2.92
C ASN C 43 1.27 -11.40 1.49
N MET C 44 2.24 -10.94 0.71
CA MET C 44 2.10 -10.77 -0.73
C MET C 44 3.50 -11.04 -1.31
N PRO C 45 3.58 -11.52 -2.56
CA PRO C 45 4.82 -12.14 -3.08
C PRO C 45 5.92 -11.24 -3.65
N LEU C 46 5.98 -9.97 -3.27
CA LEU C 46 6.94 -9.03 -3.85
C LEU C 46 8.08 -8.67 -2.92
N ILE C 47 9.27 -8.58 -3.48
CA ILE C 47 10.46 -8.16 -2.77
C ILE C 47 11.14 -7.09 -3.59
N SER C 48 11.54 -5.99 -2.97
CA SER C 48 12.27 -4.96 -3.70
C SER C 48 13.77 -5.30 -3.80
N ALA C 49 14.36 -5.02 -4.95
CA ALA C 49 15.71 -5.45 -5.22
C ALA C 49 16.78 -4.80 -4.33
N ALA C 50 17.85 -5.54 -4.08
CA ALA C 50 18.96 -5.04 -3.26
C ALA C 50 19.83 -4.09 -4.08
N MET C 51 19.31 -2.91 -4.37
CA MET C 51 19.99 -1.98 -5.26
C MET C 51 20.05 -0.59 -4.64
N ASP C 52 21.19 0.08 -4.81
CA ASP C 52 21.35 1.40 -4.21
C ASP C 52 20.46 2.48 -4.82
N THR C 53 19.76 2.17 -5.91
CA THR C 53 18.72 3.06 -6.41
C THR C 53 17.33 2.47 -6.15
N VAL C 54 17.25 1.39 -5.37
CA VAL C 54 15.95 0.80 -5.10
C VAL C 54 15.58 0.72 -3.61
N THR C 55 16.37 -0.02 -2.83
CA THR C 55 15.97 -0.30 -1.45
C THR C 55 16.90 0.18 -0.36
N GLU C 56 16.49 1.22 0.35
CA GLU C 56 17.05 1.50 1.65
C GLU C 56 15.92 1.44 2.67
N HIS C 57 16.08 2.02 3.86
CA HIS C 57 15.08 1.77 4.92
C HIS C 57 13.66 2.21 4.57
N ARG C 58 13.53 3.34 3.89
CA ARG C 58 12.21 3.84 3.61
C ARG C 58 11.40 2.89 2.72
N ALA C 59 12.01 2.41 1.64
CA ALA C 59 11.35 1.46 0.77
C ALA C 59 11.14 0.12 1.47
N ALA C 60 12.12 -0.27 2.27
CA ALA C 60 12.01 -1.54 3.01
C ALA C 60 10.84 -1.51 4.01
N ILE C 61 10.61 -0.35 4.61
CA ILE C 61 9.51 -0.17 5.56
C ILE C 61 8.16 -0.33 4.88
N MET C 62 7.99 0.32 3.73
CA MET C 62 6.74 0.26 2.99
C MET C 62 6.47 -1.14 2.48
N MET C 63 7.51 -1.77 1.94
CA MET C 63 7.36 -3.13 1.41
C MET C 63 6.88 -4.05 2.50
N ALA C 64 7.53 -4.00 3.66
CA ALA C 64 7.08 -4.82 4.79
C ALA C 64 5.65 -4.43 5.22
N ARG C 65 5.35 -3.12 5.24
CA ARG C 65 4.01 -2.67 5.64
C ARG C 65 2.94 -3.28 4.75
N LEU C 66 3.29 -3.46 3.48
CA LEU C 66 2.35 -3.96 2.49
C LEU C 66 2.38 -5.49 2.42
N GLY C 67 3.23 -6.12 3.24
CA GLY C 67 3.23 -7.57 3.34
C GLY C 67 4.37 -8.28 2.62
N GLY C 68 5.17 -7.52 1.87
CA GLY C 68 6.29 -8.07 1.14
C GLY C 68 7.57 -7.86 1.92
N LEU C 69 8.65 -7.61 1.22
CA LEU C 69 9.92 -7.44 1.89
C LEU C 69 10.84 -6.56 1.07
N GLY C 70 11.71 -5.81 1.75
CA GLY C 70 12.80 -5.12 1.09
C GLY C 70 14.13 -5.70 1.52
N VAL C 71 15.10 -5.69 0.60
CA VAL C 71 16.45 -6.14 0.95
C VAL C 71 17.43 -4.98 0.85
N ILE C 72 17.93 -4.53 2.00
CA ILE C 72 18.92 -3.47 2.04
C ILE C 72 20.16 -3.87 1.25
N HIS C 73 20.55 -3.05 0.27
CA HIS C 73 21.70 -3.34 -0.57
C HIS C 73 22.97 -3.26 0.26
N LYS C 74 24.04 -3.89 -0.23
CA LYS C 74 25.33 -3.92 0.48
C LYS C 74 26.38 -2.93 -0.05
N ASN C 75 25.95 -1.94 -0.84
CA ASN C 75 26.89 -0.97 -1.38
C ASN C 75 27.09 0.21 -0.41
N MET C 76 27.46 -0.14 0.82
CA MET C 76 27.75 0.80 1.89
C MET C 76 28.58 0.06 2.95
N ASP C 77 29.26 0.79 3.83
CA ASP C 77 30.02 0.10 4.88
C ASP C 77 29.10 -0.68 5.82
N ILE C 78 29.68 -1.63 6.56
CA ILE C 78 28.91 -2.50 7.45
C ILE C 78 28.05 -1.71 8.43
N ALA C 79 28.60 -0.63 8.99
CA ALA C 79 27.87 0.16 9.98
C ALA C 79 26.64 0.89 9.39
N SER C 80 26.77 1.40 8.18
CA SER C 80 25.63 2.05 7.52
C SER C 80 24.51 1.06 7.31
N GLN C 81 24.87 -0.17 6.92
CA GLN C 81 23.86 -1.18 6.59
C GLN C 81 23.13 -1.64 7.83
N VAL C 82 23.87 -1.80 8.93
CA VAL C 82 23.26 -2.05 10.23
C VAL C 82 22.31 -0.92 10.62
N ARG C 83 22.72 0.32 10.35
CA ARG C 83 21.88 1.49 10.62
C ARG C 83 20.55 1.43 9.84
N GLU C 84 20.62 1.06 8.56
CA GLU C 84 19.41 0.93 7.74
C GLU C 84 18.51 -0.16 8.26
N VAL C 85 19.09 -1.32 8.56
CA VAL C 85 18.32 -2.43 9.09
C VAL C 85 17.62 -2.05 10.40
N LYS C 86 18.36 -1.40 11.30
CA LYS C 86 17.78 -1.01 12.58
C LYS C 86 16.62 -0.04 12.37
N ARG C 87 16.78 0.90 11.43
CA ARG C 87 15.69 1.82 11.13
C ARG C 87 14.39 1.09 10.73
N VAL C 88 14.50 -0.01 9.97
CA VAL C 88 13.31 -0.77 9.61
C VAL C 88 12.71 -1.47 10.83
N LYS C 89 13.57 -2.06 11.65
CA LYS C 89 13.11 -2.81 12.82
C LYS C 89 12.46 -1.92 13.88
N LYS C 90 12.85 -0.65 13.92
CA LYS C 90 12.40 0.22 14.99
C LYS C 90 11.21 1.06 14.59
N SER C 91 10.79 0.92 13.34
CA SER C 91 9.63 1.62 12.82
C SER C 91 8.37 1.35 13.65
N GLU C 92 8.18 0.10 14.07
CA GLU C 92 7.15 -0.22 15.03
C GLU C 92 7.52 -1.45 15.85
N SER C 93 6.73 -1.74 16.88
CA SER C 93 6.98 -2.87 17.74
C SER C 93 5.79 -3.17 18.62
N GLY C 94 5.59 -4.45 18.93
CA GLY C 94 4.57 -4.88 19.88
C GLY C 94 3.17 -5.09 19.31
N GLY C 95 2.21 -5.24 20.20
CA GLY C 95 0.81 -5.34 19.80
C GLY C 95 0.21 -3.97 19.60
N ILE C 96 -0.99 -3.95 19.02
CA ILE C 96 -1.67 -2.69 18.71
C ILE C 96 -3.07 -2.68 19.32
N LYS C 100 -8.89 0.16 14.87
CA LYS C 100 -8.67 0.87 13.62
C LYS C 100 -7.17 0.99 13.31
N LYS C 101 -6.35 1.10 14.35
CA LYS C 101 -4.91 1.28 14.19
C LYS C 101 -4.28 -0.04 13.77
N ARG C 102 -4.97 -1.12 14.08
CA ARG C 102 -4.54 -2.46 13.69
C ARG C 102 -4.67 -2.67 12.17
N LYS C 103 -5.67 -2.01 11.58
CA LYS C 103 -6.04 -2.25 10.19
C LYS C 103 -5.57 -1.18 9.19
N GLU C 104 -4.76 -0.24 9.66
CA GLU C 104 -4.13 0.73 8.75
C GLU C 104 -3.23 0.04 7.71
N TYR C 105 -2.35 -0.83 8.21
CA TYR C 105 -1.58 -1.73 7.36
C TYR C 105 -1.88 -3.16 7.77
N PRO C 106 -3.06 -3.65 7.40
CA PRO C 106 -3.58 -4.91 7.90
C PRO C 106 -2.76 -6.10 7.40
N ASP C 107 -2.03 -5.90 6.32
CA ASP C 107 -1.24 -6.99 5.76
C ASP C 107 0.24 -6.92 6.11
N ALA C 108 0.59 -6.09 7.08
CA ALA C 108 1.98 -5.89 7.47
C ALA C 108 2.71 -7.21 7.75
N ASN C 109 3.94 -7.30 7.26
CA ASN C 109 4.75 -8.50 7.42
C ASN C 109 5.69 -8.32 8.62
N LYS C 110 5.23 -8.78 9.77
CA LYS C 110 5.95 -8.54 11.02
C LYS C 110 6.61 -9.80 11.58
N ASP C 111 7.48 -9.59 12.55
CA ASP C 111 8.13 -10.72 13.20
C ASP C 111 7.39 -11.08 14.48
N ASN C 112 7.96 -12.02 15.24
CA ASN C 112 7.34 -12.46 16.47
C ASN C 112 7.02 -11.33 17.45
N PHE C 113 7.73 -10.21 17.31
CA PHE C 113 7.60 -9.14 18.28
C PHE C 113 6.97 -7.86 17.73
N GLY C 114 6.30 -7.96 16.59
CA GLY C 114 5.57 -6.83 16.05
C GLY C 114 6.43 -5.84 15.27
N ARG C 115 7.65 -6.25 14.93
N ARG C 115 7.65 -6.25 14.93
CA ARG C 115 8.53 -5.41 14.14
CA ARG C 115 8.54 -5.41 14.15
C ARG C 115 8.50 -5.83 12.68
C ARG C 115 8.51 -5.83 12.69
N LEU C 116 8.60 -4.86 11.78
CA LEU C 116 8.59 -5.13 10.37
C LEU C 116 9.80 -5.97 9.98
N ARG C 117 9.57 -6.89 9.05
CA ARG C 117 10.64 -7.74 8.60
C ARG C 117 11.49 -7.04 7.54
N VAL C 118 12.72 -7.51 7.39
CA VAL C 118 13.69 -6.86 6.51
C VAL C 118 14.83 -7.83 6.20
N GLY C 119 15.32 -7.77 4.97
CA GLY C 119 16.49 -8.54 4.57
C GLY C 119 17.71 -7.67 4.32
N ALA C 120 18.87 -8.32 4.16
CA ALA C 120 20.07 -7.58 3.84
C ALA C 120 21.03 -8.40 2.99
N ALA C 121 21.63 -7.75 1.99
CA ALA C 121 22.52 -8.43 1.08
C ALA C 121 23.94 -8.51 1.65
N ILE C 122 24.59 -9.64 1.40
CA ILE C 122 26.00 -9.79 1.71
C ILE C 122 26.66 -10.45 0.50
N GLY C 123 27.98 -10.33 0.41
CA GLY C 123 28.73 -10.98 -0.64
C GLY C 123 29.56 -12.11 -0.06
N VAL C 124 30.37 -12.73 -0.90
CA VAL C 124 31.19 -13.87 -0.52
C VAL C 124 32.17 -13.51 0.60
N GLY C 125 32.24 -14.37 1.62
CA GLY C 125 33.22 -14.23 2.68
C GLY C 125 33.22 -12.91 3.45
N GLN C 126 32.04 -12.37 3.70
CA GLN C 126 31.92 -11.21 4.56
C GLN C 126 31.25 -11.60 5.87
N MET C 127 31.92 -12.45 6.65
CA MET C 127 31.34 -12.95 7.89
C MET C 127 31.10 -11.81 8.85
N ASP C 128 32.00 -10.83 8.86
CA ASP C 128 31.85 -9.65 9.69
C ASP C 128 30.52 -8.94 9.46
N ARG C 129 30.20 -8.71 8.21
CA ARG C 129 28.93 -8.08 7.86
C ARG C 129 27.75 -8.92 8.36
N VAL C 130 27.84 -10.23 8.16
CA VAL C 130 26.83 -11.18 8.62
C VAL C 130 26.63 -11.15 10.13
N ASP C 131 27.73 -11.16 10.87
CA ASP C 131 27.68 -11.07 12.33
C ASP C 131 26.91 -9.81 12.73
N ALA C 132 27.30 -8.67 12.15
CA ALA C 132 26.71 -7.39 12.49
C ALA C 132 25.22 -7.33 12.14
N LEU C 133 24.88 -7.88 10.99
CA LEU C 133 23.50 -7.88 10.52
C LEU C 133 22.64 -8.74 11.44
N VAL C 134 23.20 -9.86 11.86
CA VAL C 134 22.47 -10.78 12.73
C VAL C 134 22.20 -10.12 14.07
N GLU C 135 23.24 -9.56 14.67
CA GLU C 135 23.15 -8.76 15.87
C GLU C 135 22.11 -7.61 15.76
N ALA C 136 22.02 -7.01 14.58
CA ALA C 136 21.09 -5.90 14.37
C ALA C 136 19.62 -6.34 14.28
N GLY C 137 19.40 -7.64 14.16
CA GLY C 137 18.05 -8.18 14.16
C GLY C 137 17.50 -8.48 12.77
N VAL C 138 18.37 -8.59 11.78
CA VAL C 138 17.93 -8.88 10.41
C VAL C 138 17.16 -10.21 10.35
N ASP C 139 16.17 -10.27 9.47
CA ASP C 139 15.27 -11.42 9.41
C ASP C 139 15.79 -12.46 8.46
N VAL C 140 16.53 -12.01 7.46
CA VAL C 140 17.03 -12.91 6.44
C VAL C 140 18.22 -12.25 5.76
N VAL C 141 19.23 -13.06 5.46
CA VAL C 141 20.39 -12.56 4.77
C VAL C 141 20.32 -13.06 3.33
N VAL C 142 20.58 -12.16 2.38
CA VAL C 142 20.61 -12.53 0.96
C VAL C 142 22.05 -12.54 0.43
N LEU C 143 22.56 -13.72 0.13
CA LEU C 143 23.92 -13.86 -0.36
C LEU C 143 23.93 -13.74 -1.87
N ASP C 144 24.54 -12.67 -2.36
CA ASP C 144 24.50 -12.32 -3.77
C ASP C 144 25.84 -12.38 -4.48
N SER C 145 25.81 -12.93 -5.69
CA SER C 145 26.94 -12.95 -6.59
C SER C 145 26.43 -12.99 -8.02
N ALA C 146 27.22 -12.51 -8.96
CA ALA C 146 26.89 -12.69 -10.35
C ALA C 146 26.75 -14.18 -10.66
N HIS C 147 27.55 -15.00 -9.97
CA HIS C 147 27.58 -16.43 -10.25
C HIS C 147 27.38 -17.26 -8.98
N GLY C 148 26.13 -17.53 -8.65
CA GLY C 148 25.79 -18.35 -7.50
C GLY C 148 26.37 -19.76 -7.53
N HIS C 149 26.47 -20.35 -8.71
CA HIS C 149 26.91 -21.74 -8.85
C HIS C 149 28.43 -21.81 -8.84
N SER C 150 29.02 -21.37 -7.74
CA SER C 150 30.46 -21.29 -7.64
C SER C 150 30.96 -21.77 -6.28
N LYS C 151 32.20 -22.21 -6.25
CA LYS C 151 32.81 -22.65 -5.01
C LYS C 151 32.75 -21.57 -3.91
N GLY C 152 33.00 -20.33 -4.29
CA GLY C 152 33.05 -19.22 -3.35
C GLY C 152 31.73 -19.04 -2.61
N ILE C 153 30.65 -19.04 -3.38
CA ILE C 153 29.31 -18.90 -2.82
C ILE C 153 28.96 -20.10 -1.95
N ILE C 154 29.18 -21.29 -2.48
CA ILE C 154 28.84 -22.50 -1.75
C ILE C 154 29.62 -22.63 -0.43
N ASP C 155 30.91 -22.32 -0.46
CA ASP C 155 31.68 -22.31 0.78
C ASP C 155 31.11 -21.31 1.76
N THR C 156 30.60 -20.19 1.24
CA THR C 156 30.07 -19.14 2.11
C THR C 156 28.78 -19.59 2.78
N VAL C 157 27.89 -20.19 2.00
CA VAL C 157 26.65 -20.77 2.50
C VAL C 157 26.94 -21.71 3.66
N LYS C 158 27.91 -22.60 3.46
CA LYS C 158 28.24 -23.59 4.47
C LYS C 158 28.76 -22.91 5.75
N ALA C 159 29.62 -21.90 5.59
CA ALA C 159 30.15 -21.19 6.74
C ALA C 159 29.06 -20.46 7.54
N ILE C 160 28.12 -19.83 6.84
CA ILE C 160 27.03 -19.13 7.52
C ILE C 160 26.11 -20.09 8.25
N LYS C 161 25.78 -21.21 7.62
CA LYS C 161 24.89 -22.19 8.24
C LYS C 161 25.59 -22.88 9.43
N ALA C 162 26.90 -23.05 9.35
CA ALA C 162 27.64 -23.63 10.46
C ALA C 162 27.65 -22.72 11.67
N LYS C 163 27.77 -21.41 11.43
CA LYS C 163 27.83 -20.43 12.51
C LYS C 163 26.45 -20.05 13.00
N TYR C 164 25.50 -19.92 12.08
CA TYR C 164 24.14 -19.49 12.38
C TYR C 164 23.11 -20.48 11.82
N PRO C 165 23.02 -21.69 12.41
CA PRO C 165 22.22 -22.79 11.85
C PRO C 165 20.77 -22.42 11.61
N ASN C 166 20.25 -21.50 12.40
CA ASN C 166 18.83 -21.17 12.31
C ASN C 166 18.60 -19.77 11.80
N LEU C 167 19.61 -19.23 11.15
CA LEU C 167 19.47 -17.99 10.41
C LEU C 167 19.03 -18.34 9.00
N ASP C 168 17.91 -17.80 8.56
CA ASP C 168 17.43 -18.08 7.21
C ASP C 168 18.23 -17.37 6.11
N LEU C 169 18.66 -18.17 5.14
CA LEU C 169 19.64 -17.71 4.19
C LEU C 169 19.16 -17.91 2.76
N ILE C 170 19.13 -16.81 2.02
CA ILE C 170 18.86 -16.84 0.58
C ILE C 170 20.17 -16.75 -0.20
N ALA C 171 20.34 -17.55 -1.26
CA ALA C 171 21.53 -17.46 -2.11
C ALA C 171 21.20 -17.40 -3.59
N GLY C 172 22.02 -16.68 -4.34
CA GLY C 172 21.84 -16.53 -5.77
C GLY C 172 23.03 -15.77 -6.33
N ASN C 173 23.05 -15.54 -7.64
CA ASN C 173 21.96 -15.91 -8.53
C ASN C 173 22.27 -17.13 -9.38
N ILE C 174 21.24 -17.94 -9.66
CA ILE C 174 21.44 -19.13 -10.50
C ILE C 174 20.41 -19.25 -11.60
N ALA C 175 20.65 -20.18 -12.51
CA ALA C 175 19.75 -20.34 -13.64
C ALA C 175 19.65 -21.79 -14.10
N THR C 176 20.22 -22.70 -13.33
CA THR C 176 20.14 -24.12 -13.71
C THR C 176 19.71 -25.03 -12.55
N ALA C 177 19.09 -26.14 -12.92
CA ALA C 177 18.75 -27.23 -12.00
C ALA C 177 19.95 -27.73 -11.19
N ALA C 178 21.10 -27.89 -11.85
CA ALA C 178 22.28 -28.40 -11.18
C ALA C 178 22.79 -27.38 -10.16
N ALA C 179 22.62 -26.10 -10.47
CA ALA C 179 22.94 -25.01 -9.56
C ALA C 179 22.00 -24.99 -8.35
N ALA C 180 20.71 -25.13 -8.63
CA ALA C 180 19.71 -25.21 -7.56
C ALA C 180 20.07 -26.36 -6.61
N LYS C 181 20.37 -27.51 -7.19
CA LYS C 181 20.70 -28.69 -6.43
C LYS C 181 21.89 -28.43 -5.50
N ALA C 182 22.93 -27.81 -6.06
CA ALA C 182 24.14 -27.54 -5.29
C ALA C 182 23.89 -26.64 -4.07
N LEU C 183 23.10 -25.58 -4.28
CA LEU C 183 22.78 -24.64 -3.21
C LEU C 183 21.90 -25.26 -2.13
N CYS C 184 20.91 -26.04 -2.56
CA CYS C 184 19.98 -26.66 -1.63
C CYS C 184 20.74 -27.64 -0.76
N GLU C 185 21.68 -28.36 -1.37
CA GLU C 185 22.49 -29.33 -0.63
C GLU C 185 23.44 -28.63 0.32
N ALA C 186 23.78 -27.38 0.01
CA ALA C 186 24.68 -26.61 0.85
C ALA C 186 23.92 -26.06 2.06
N GLY C 187 22.60 -26.07 1.98
CA GLY C 187 21.78 -25.67 3.11
C GLY C 187 20.99 -24.36 3.01
N VAL C 188 20.84 -23.80 1.80
CA VAL C 188 20.10 -22.55 1.65
C VAL C 188 18.61 -22.72 2.02
N ASP C 189 17.96 -21.62 2.39
CA ASP C 189 16.54 -21.67 2.69
C ASP C 189 15.71 -21.11 1.54
N ALA C 190 16.40 -20.57 0.54
CA ALA C 190 15.80 -20.17 -0.74
C ALA C 190 16.91 -19.97 -1.75
N VAL C 191 16.62 -20.26 -3.02
CA VAL C 191 17.53 -19.89 -4.10
C VAL C 191 16.92 -18.77 -4.95
N LYS C 192 17.76 -17.84 -5.40
CA LYS C 192 17.31 -16.76 -6.24
C LYS C 192 17.71 -16.98 -7.70
N VAL C 193 16.73 -16.86 -8.59
CA VAL C 193 16.94 -17.24 -9.98
C VAL C 193 16.90 -16.03 -10.90
N GLY C 194 17.92 -15.93 -11.76
CA GLY C 194 18.01 -14.87 -12.75
C GLY C 194 19.45 -14.57 -13.08
N ILE C 195 19.92 -15.12 -14.19
CA ILE C 195 21.22 -14.73 -14.73
C ILE C 195 21.00 -13.93 -16.02
N GLY C 196 21.12 -12.60 -15.91
CA GLY C 196 20.93 -11.72 -17.05
C GLY C 196 19.57 -11.13 -17.44
N PRO C 197 18.46 -11.45 -16.73
CA PRO C 197 17.21 -10.86 -17.25
C PRO C 197 16.91 -9.42 -16.83
N GLY C 198 17.63 -8.90 -15.83
CA GLY C 198 17.30 -7.60 -15.27
C GLY C 198 17.34 -6.51 -16.32
N SER C 199 16.48 -5.52 -16.16
CA SER C 199 16.41 -4.36 -17.04
C SER C 199 17.76 -3.67 -17.31
N ILE C 200 18.55 -3.50 -16.26
CA ILE C 200 19.79 -2.75 -16.36
C ILE C 200 21.02 -3.65 -16.60
N CYS C 201 20.77 -4.93 -16.90
CA CYS C 201 21.81 -5.95 -16.94
C CYS C 201 22.31 -6.23 -18.35
N THR C 202 23.63 -6.33 -18.51
CA THR C 202 24.22 -6.62 -19.83
C THR C 202 25.00 -7.94 -19.88
N THR C 203 24.98 -8.69 -18.78
CA THR C 203 25.68 -9.97 -18.63
C THR C 203 25.62 -10.89 -19.87
N ARG C 204 24.41 -11.15 -20.33
CA ARG C 204 24.23 -12.03 -21.47
C ARG C 204 24.90 -11.49 -22.74
N ILE C 205 24.96 -10.17 -22.87
CA ILE C 205 25.54 -9.54 -24.06
C ILE C 205 27.07 -9.47 -23.91
N VAL C 206 27.50 -9.15 -22.71
CA VAL C 206 28.93 -9.03 -22.43
C VAL C 206 29.65 -10.39 -22.31
N SER C 207 29.03 -11.35 -21.64
CA SER C 207 29.67 -12.66 -21.45
C SER C 207 29.08 -13.78 -22.31
N GLY C 208 27.93 -13.54 -22.92
CA GLY C 208 27.27 -14.57 -23.70
C GLY C 208 26.53 -15.61 -22.87
N VAL C 209 26.43 -15.39 -21.57
CA VAL C 209 25.90 -16.37 -20.65
C VAL C 209 24.55 -15.99 -20.09
N GLY C 210 23.59 -16.90 -20.12
CA GLY C 210 22.28 -16.68 -19.53
C GLY C 210 21.26 -17.75 -19.87
N VAL C 211 20.13 -17.74 -19.16
CA VAL C 211 19.00 -18.59 -19.50
C VAL C 211 17.76 -17.68 -19.44
N PRO C 212 16.97 -17.62 -20.51
CA PRO C 212 15.69 -16.89 -20.47
C PRO C 212 14.87 -17.24 -19.21
N GLN C 213 14.27 -16.23 -18.61
CA GLN C 213 13.87 -16.28 -17.21
C GLN C 213 12.79 -17.32 -16.90
N ILE C 214 11.73 -17.33 -17.70
CA ILE C 214 10.69 -18.35 -17.56
C ILE C 214 11.26 -19.77 -17.52
N SER C 215 12.10 -20.13 -18.49
CA SER C 215 12.73 -21.46 -18.47
C SER C 215 13.62 -21.66 -17.25
N ALA C 216 14.37 -20.61 -16.91
CA ALA C 216 15.30 -20.68 -15.80
C ALA C 216 14.51 -20.98 -14.55
N ILE C 217 13.39 -20.27 -14.38
CA ILE C 217 12.55 -20.48 -13.23
C ILE C 217 12.01 -21.90 -13.20
N ASP C 218 11.48 -22.35 -14.33
CA ASP C 218 10.88 -23.68 -14.42
C ASP C 218 11.88 -24.77 -14.03
N GLU C 219 13.06 -24.69 -14.60
CA GLU C 219 14.10 -25.68 -14.37
C GLU C 219 14.48 -25.70 -12.88
N CYS C 220 14.62 -24.51 -12.29
CA CYS C 220 15.13 -24.43 -10.93
C CYS C 220 14.08 -24.83 -9.89
N VAL C 221 12.82 -24.45 -10.14
CA VAL C 221 11.72 -24.83 -9.26
C VAL C 221 11.66 -26.34 -9.12
N GLU C 222 11.70 -27.00 -10.28
CA GLU C 222 11.55 -28.45 -10.36
C GLU C 222 12.60 -29.17 -9.52
N GLU C 223 13.82 -28.64 -9.48
CA GLU C 223 14.84 -29.22 -8.63
C GLU C 223 14.64 -28.78 -7.18
N ALA C 224 14.48 -27.48 -6.95
CA ALA C 224 14.37 -26.96 -5.58
C ALA C 224 13.19 -27.53 -4.79
N ASN C 225 12.08 -27.82 -5.48
CA ASN C 225 10.91 -28.40 -4.85
C ASN C 225 11.25 -29.66 -4.08
N LYS C 226 12.15 -30.45 -4.66
CA LYS C 226 12.67 -31.69 -4.08
C LYS C 226 13.29 -31.49 -2.69
N PHE C 227 13.71 -30.26 -2.41
CA PHE C 227 14.31 -29.93 -1.12
C PHE C 227 13.39 -29.06 -0.28
N GLY C 228 12.18 -28.82 -0.78
CA GLY C 228 11.26 -27.93 -0.09
C GLY C 228 11.85 -26.52 -0.02
N VAL C 229 12.66 -26.17 -1.02
CA VAL C 229 13.26 -24.86 -1.05
C VAL C 229 12.54 -23.97 -2.05
N PRO C 230 12.01 -22.84 -1.57
CA PRO C 230 11.28 -21.93 -2.45
C PRO C 230 12.22 -21.16 -3.36
N VAL C 231 11.70 -20.80 -4.54
CA VAL C 231 12.47 -20.12 -5.56
C VAL C 231 11.97 -18.69 -5.72
N ILE C 232 12.91 -17.75 -5.70
CA ILE C 232 12.60 -16.34 -5.92
C ILE C 232 12.95 -15.93 -7.37
N ALA C 233 11.94 -15.44 -8.08
CA ALA C 233 12.15 -14.97 -9.45
C ALA C 233 12.68 -13.53 -9.42
N ASP C 234 13.93 -13.35 -9.84
CA ASP C 234 14.62 -12.07 -9.74
C ASP C 234 15.00 -11.48 -11.11
N GLY C 235 14.30 -10.45 -11.56
CA GLY C 235 14.67 -9.73 -12.76
C GLY C 235 13.77 -9.98 -13.97
N GLY C 236 13.67 -8.99 -14.86
CA GLY C 236 12.91 -9.15 -16.09
C GLY C 236 11.42 -8.89 -16.03
N ILE C 237 10.90 -8.56 -14.85
CA ILE C 237 9.48 -8.23 -14.67
C ILE C 237 9.19 -6.85 -15.20
N LYS C 238 8.38 -6.77 -16.25
CA LYS C 238 8.08 -5.51 -16.93
C LYS C 238 6.64 -5.10 -16.62
N TYR C 239 5.77 -6.10 -16.46
CA TYR C 239 4.35 -5.87 -16.19
C TYR C 239 3.81 -6.77 -15.10
N SER C 240 2.63 -6.44 -14.61
CA SER C 240 1.96 -7.28 -13.62
C SER C 240 1.74 -8.70 -14.14
N GLY C 241 1.38 -8.85 -15.42
CA GLY C 241 1.22 -10.18 -16.00
C GLY C 241 2.44 -11.06 -15.84
N ASP C 242 3.63 -10.46 -15.86
CA ASP C 242 4.85 -11.25 -15.70
C ASP C 242 5.00 -11.81 -14.29
N ILE C 243 4.51 -11.08 -13.29
CA ILE C 243 4.55 -11.58 -11.92
C ILE C 243 3.69 -12.83 -11.86
N ALA C 244 2.52 -12.72 -12.46
CA ALA C 244 1.58 -13.84 -12.49
C ALA C 244 2.22 -15.06 -13.15
N LYS C 245 2.86 -14.85 -14.31
CA LYS C 245 3.45 -15.97 -15.03
C LYS C 245 4.57 -16.63 -14.18
N ALA C 246 5.43 -15.80 -13.61
CA ALA C 246 6.53 -16.28 -12.78
C ALA C 246 6.02 -17.16 -11.62
N LEU C 247 5.02 -16.67 -10.91
CA LEU C 247 4.46 -17.42 -9.81
C LEU C 247 3.78 -18.69 -10.30
N ALA C 248 3.01 -18.58 -11.38
CA ALA C 248 2.25 -19.70 -11.92
C ALA C 248 3.17 -20.86 -12.31
N VAL C 249 4.32 -20.53 -12.87
CA VAL C 249 5.25 -21.55 -13.35
C VAL C 249 6.01 -22.22 -12.20
N GLY C 250 5.86 -21.68 -10.99
CA GLY C 250 6.42 -22.31 -9.80
C GLY C 250 7.20 -21.46 -8.81
N ALA C 251 7.54 -20.22 -9.14
CA ALA C 251 8.22 -19.34 -8.16
C ALA C 251 7.33 -19.00 -6.97
N SER C 252 7.94 -18.75 -5.81
CA SER C 252 7.15 -18.42 -4.61
C SER C 252 7.13 -16.93 -4.31
N SER C 253 8.06 -16.19 -4.89
CA SER C 253 8.06 -14.76 -4.73
C SER C 253 8.82 -14.18 -5.90
N VAL C 254 8.67 -12.88 -6.10
CA VAL C 254 9.31 -12.19 -7.20
C VAL C 254 10.05 -10.97 -6.68
N MET C 255 11.30 -10.83 -7.13
CA MET C 255 12.12 -9.66 -6.79
C MET C 255 12.11 -8.67 -7.94
N ILE C 256 11.84 -7.41 -7.62
CA ILE C 256 11.64 -6.36 -8.62
C ILE C 256 12.53 -5.14 -8.36
N GLY C 257 13.14 -4.63 -9.43
CA GLY C 257 13.99 -3.45 -9.33
C GLY C 257 13.44 -2.25 -10.07
N SER C 258 13.42 -2.33 -11.40
CA SER C 258 13.07 -1.17 -12.22
C SER C 258 11.67 -0.61 -11.93
N LEU C 259 10.71 -1.48 -11.66
CA LEU C 259 9.34 -0.99 -11.36
C LEU C 259 9.21 -0.28 -10.02
N LEU C 260 10.25 -0.34 -9.19
CA LEU C 260 10.16 0.37 -7.93
C LEU C 260 11.19 1.50 -7.85
N ALA C 261 12.08 1.51 -8.83
CA ALA C 261 13.17 2.48 -8.81
C ALA C 261 12.67 3.93 -8.98
N GLY C 262 11.48 4.10 -9.51
CA GLY C 262 10.97 5.44 -9.71
C GLY C 262 10.00 5.90 -8.62
N THR C 263 10.06 5.28 -7.45
CA THR C 263 9.12 5.66 -6.40
C THR C 263 9.68 6.70 -5.44
N ASP C 264 8.79 7.34 -4.69
CA ASP C 264 9.19 8.31 -3.68
C ASP C 264 10.16 7.69 -2.70
N GLU C 265 9.88 6.45 -2.34
CA GLU C 265 10.58 5.79 -1.25
C GLU C 265 11.97 5.31 -1.66
N SER C 266 12.17 5.02 -2.94
CA SER C 266 13.48 4.60 -3.40
C SER C 266 14.46 5.74 -3.15
N PRO C 267 15.72 5.41 -2.86
CA PRO C 267 16.65 6.48 -2.51
C PRO C 267 16.98 7.37 -3.70
N GLY C 268 17.30 8.62 -3.43
CA GLY C 268 17.56 9.53 -4.51
C GLY C 268 16.37 10.42 -4.72
N GLU C 269 16.55 11.41 -5.59
CA GLU C 269 15.60 12.50 -5.74
C GLU C 269 15.10 12.51 -7.19
N LEU C 270 13.88 12.99 -7.40
CA LEU C 270 13.37 13.07 -8.76
C LEU C 270 13.93 14.27 -9.47
N PHE C 271 14.04 14.17 -10.79
CA PHE C 271 14.43 15.32 -11.61
C PHE C 271 13.55 15.36 -12.85
N THR C 272 13.62 16.49 -13.54
CA THR C 272 12.86 16.72 -14.75
C THR C 272 13.81 16.90 -15.92
N TYR C 273 13.52 16.23 -17.03
CA TYR C 273 14.30 16.35 -18.25
C TYR C 273 13.33 16.28 -19.43
N GLN C 274 13.38 17.29 -20.28
CA GLN C 274 12.49 17.40 -21.44
C GLN C 274 11.02 17.19 -21.05
N GLY C 275 10.58 17.78 -19.95
CA GLY C 275 9.19 17.72 -19.57
C GLY C 275 8.73 16.45 -18.87
N ARG C 276 9.61 15.47 -18.67
CA ARG C 276 9.25 14.29 -17.88
C ARG C 276 10.00 14.18 -16.56
N GLN C 277 9.38 13.53 -15.58
CA GLN C 277 10.04 13.30 -14.30
C GLN C 277 10.66 11.92 -14.25
N TYR C 278 11.79 11.81 -13.55
CA TYR C 278 12.57 10.59 -13.54
C TYR C 278 13.27 10.38 -12.20
N LYS C 279 13.67 9.13 -11.96
CA LYS C 279 14.68 8.84 -10.93
C LYS C 279 15.80 8.01 -11.58
N SER C 280 17.00 8.09 -11.02
CA SER C 280 18.08 7.27 -11.53
C SER C 280 17.84 5.83 -11.16
N TYR C 281 18.34 4.93 -12.00
CA TYR C 281 18.30 3.54 -11.71
C TYR C 281 19.50 2.97 -12.43
N ARG C 282 20.31 2.20 -11.72
CA ARG C 282 21.55 1.71 -12.30
C ARG C 282 21.82 0.32 -11.79
N GLY C 283 22.48 -0.47 -12.62
CA GLY C 283 22.90 -1.79 -12.20
C GLY C 283 24.00 -1.67 -11.17
N MET C 284 24.05 -2.65 -10.27
CA MET C 284 25.09 -2.73 -9.26
C MET C 284 26.39 -3.19 -9.89
N GLY C 285 26.29 -3.69 -11.12
CA GLY C 285 27.47 -4.07 -11.88
C GLY C 285 27.89 -3.00 -12.87
N SER C 286 27.32 -1.80 -12.76
CA SER C 286 27.68 -0.70 -13.65
C SER C 286 28.90 0.05 -13.13
N LEU C 287 29.55 0.78 -14.02
CA LEU C 287 30.72 1.57 -13.66
C LEU C 287 30.44 2.50 -12.49
N GLY C 288 29.37 3.30 -12.61
CA GLY C 288 28.96 4.20 -11.54
C GLY C 288 28.75 3.57 -10.17
N ALA C 289 28.27 2.34 -10.11
CA ALA C 289 27.98 1.74 -8.81
C ALA C 289 29.22 1.07 -8.20
N MET C 290 30.19 0.74 -9.05
CA MET C 290 31.41 0.13 -8.58
C MET C 290 32.45 1.20 -8.25
N GLN C 291 32.00 2.37 -7.80
CA GLN C 291 32.89 3.46 -7.37
C GLN C 291 33.00 3.59 -5.84
N LYS C 307 41.44 -1.94 -15.30
CA LYS C 307 40.25 -1.19 -15.72
C LYS C 307 38.98 -2.07 -15.67
N LEU C 308 37.91 -1.53 -15.11
CA LEU C 308 36.71 -2.34 -14.86
C LEU C 308 35.93 -2.73 -16.11
N VAL C 309 35.42 -3.96 -16.12
CA VAL C 309 34.55 -4.47 -17.18
C VAL C 309 33.15 -4.77 -16.62
N PRO C 310 32.25 -3.78 -16.76
CA PRO C 310 30.90 -3.76 -16.19
C PRO C 310 29.94 -4.82 -16.77
N GLU C 311 28.87 -5.11 -16.04
CA GLU C 311 27.85 -6.01 -16.55
C GLU C 311 26.49 -5.39 -16.30
N GLY C 312 26.47 -4.06 -16.26
CA GLY C 312 25.26 -3.29 -16.05
C GLY C 312 25.46 -1.88 -16.57
N ILE C 313 24.36 -1.14 -16.68
CA ILE C 313 24.39 0.25 -17.16
C ILE C 313 23.81 1.21 -16.12
N GLU C 314 24.11 2.50 -16.27
CA GLU C 314 23.50 3.53 -15.45
C GLU C 314 22.43 4.18 -16.26
N GLY C 315 21.24 4.33 -15.69
CA GLY C 315 20.14 4.91 -16.43
C GLY C 315 19.15 5.71 -15.62
N ARG C 316 17.95 5.88 -16.17
CA ARG C 316 16.85 6.58 -15.50
C ARG C 316 15.52 5.88 -15.84
N VAL C 317 14.59 5.93 -14.91
CA VAL C 317 13.23 5.43 -15.13
C VAL C 317 12.23 6.55 -14.84
N PRO C 318 11.05 6.46 -15.44
CA PRO C 318 10.02 7.45 -15.10
C PRO C 318 9.72 7.46 -13.60
N TYR C 319 9.43 8.66 -13.09
CA TYR C 319 8.90 8.80 -11.75
C TYR C 319 7.48 8.26 -11.74
N VAL C 320 7.19 7.31 -10.86
CA VAL C 320 5.84 6.72 -10.80
C VAL C 320 5.04 6.95 -9.52
N GLY C 321 5.51 7.81 -8.62
CA GLY C 321 4.74 8.15 -7.43
C GLY C 321 5.05 7.22 -6.27
N SER C 322 4.05 6.94 -5.43
CA SER C 322 4.27 6.12 -4.23
C SER C 322 4.45 4.61 -4.52
N ILE C 323 5.24 3.95 -3.70
CA ILE C 323 5.38 2.50 -3.76
C ILE C 323 4.02 1.82 -3.60
N ARG C 324 3.20 2.37 -2.73
CA ARG C 324 1.90 1.78 -2.47
C ARG C 324 1.03 1.70 -3.72
N SER C 325 1.02 2.77 -4.50
CA SER C 325 0.20 2.81 -5.70
C SER C 325 0.73 1.80 -6.70
N VAL C 326 2.05 1.69 -6.80
CA VAL C 326 2.64 0.73 -7.73
C VAL C 326 2.31 -0.71 -7.32
N VAL C 327 2.51 -1.01 -6.05
CA VAL C 327 2.25 -2.34 -5.52
C VAL C 327 0.77 -2.71 -5.69
N HIS C 328 -0.11 -1.78 -5.33
CA HIS C 328 -1.53 -1.98 -5.53
C HIS C 328 -1.87 -2.42 -6.95
N GLN C 329 -1.29 -1.77 -7.95
CA GLN C 329 -1.53 -2.14 -9.34
C GLN C 329 -0.92 -3.49 -9.67
N LEU C 330 0.28 -3.75 -9.15
CA LEU C 330 0.93 -5.02 -9.45
C LEU C 330 0.13 -6.16 -8.85
N LEU C 331 -0.30 -6.02 -7.61
CA LEU C 331 -1.00 -7.12 -6.95
C LEU C 331 -2.39 -7.25 -7.54
N GLY C 332 -2.93 -6.15 -8.05
CA GLY C 332 -4.24 -6.16 -8.68
C GLY C 332 -4.22 -7.01 -9.94
N GLY C 333 -3.09 -6.96 -10.66
CA GLY C 333 -2.91 -7.75 -11.84
C GLY C 333 -2.78 -9.23 -11.53
N LEU C 334 -2.08 -9.52 -10.44
CA LEU C 334 -1.93 -10.89 -9.97
C LEU C 334 -3.30 -11.47 -9.61
N ARG C 335 -4.11 -10.68 -8.92
CA ARG C 335 -5.40 -11.17 -8.45
C ARG C 335 -6.35 -11.52 -9.61
N SER C 336 -6.41 -10.68 -10.62
CA SER C 336 -7.31 -10.97 -11.74
C SER C 336 -6.81 -12.20 -12.50
N SER C 337 -5.50 -12.31 -12.65
CA SER C 337 -4.87 -13.51 -13.19
C SER C 337 -5.39 -14.77 -12.47
N MET C 338 -5.27 -14.77 -11.14
CA MET C 338 -5.75 -15.88 -10.34
C MET C 338 -7.25 -16.05 -10.46
N GLY C 339 -7.96 -14.96 -10.66
CA GLY C 339 -9.38 -15.05 -10.95
C GLY C 339 -9.65 -15.74 -12.29
N TYR C 340 -8.87 -15.40 -13.32
CA TYR C 340 -9.08 -16.00 -14.64
C TYR C 340 -8.85 -17.50 -14.59
N VAL C 341 -7.82 -17.89 -13.83
CA VAL C 341 -7.36 -19.29 -13.78
C VAL C 341 -8.22 -20.12 -12.81
N GLY C 342 -8.91 -19.45 -11.89
CA GLY C 342 -9.82 -20.12 -10.97
C GLY C 342 -9.14 -20.55 -9.67
N ALA C 343 -8.04 -19.88 -9.35
CA ALA C 343 -7.20 -20.25 -8.21
C ALA C 343 -7.49 -19.44 -6.96
N LYS C 344 -7.75 -20.12 -5.85
CA LYS C 344 -8.07 -19.46 -4.59
C LYS C 344 -6.81 -18.94 -3.85
N ASP C 345 -5.67 -19.54 -4.14
CA ASP C 345 -4.42 -19.07 -3.56
C ASP C 345 -3.25 -19.52 -4.42
N ILE C 346 -2.05 -19.11 -4.03
CA ILE C 346 -0.88 -19.34 -4.85
C ILE C 346 -0.61 -20.82 -5.17
N GLU C 347 -0.68 -21.69 -4.17
CA GLU C 347 -0.50 -23.12 -4.42
C GLU C 347 -1.51 -23.66 -5.42
N ASP C 348 -2.77 -23.31 -5.22
CA ASP C 348 -3.81 -23.66 -6.16
C ASP C 348 -3.52 -23.08 -7.54
N PHE C 349 -2.96 -21.88 -7.57
CA PHE C 349 -2.62 -21.21 -8.82
C PHE C 349 -1.59 -22.05 -9.58
N GLN C 350 -0.61 -22.58 -8.86
CA GLN C 350 0.45 -23.34 -9.49
C GLN C 350 -0.04 -24.73 -9.88
N LYS C 351 -1.09 -25.19 -9.23
CA LYS C 351 -1.67 -26.47 -9.56
C LYS C 351 -2.45 -26.39 -10.87
N ARG C 352 -3.28 -25.36 -10.98
CA ARG C 352 -4.20 -25.23 -12.10
C ARG C 352 -3.52 -24.73 -13.38
N ALA C 353 -2.51 -23.91 -13.22
CA ALA C 353 -1.88 -23.19 -14.32
C ALA C 353 -1.49 -24.06 -15.52
N GLU C 354 -1.92 -23.65 -16.70
CA GLU C 354 -1.33 -24.18 -17.92
C GLU C 354 -1.12 -23.06 -18.93
N PHE C 355 -0.02 -23.17 -19.64
CA PHE C 355 0.45 -22.15 -20.55
C PHE C 355 0.20 -22.53 -22.02
N VAL C 356 0.10 -21.52 -22.86
CA VAL C 356 0.30 -21.72 -24.29
C VAL C 356 1.50 -20.88 -24.69
N GLU C 357 2.23 -21.36 -25.69
CA GLU C 357 3.33 -20.61 -26.27
C GLU C 357 2.77 -19.78 -27.42
N ILE C 358 3.16 -18.52 -27.48
CA ILE C 358 2.66 -17.65 -28.53
C ILE C 358 3.77 -17.19 -29.47
N THR C 359 3.36 -16.53 -30.56
CA THR C 359 4.30 -16.09 -31.57
C THR C 359 4.47 -14.59 -31.46
N THR C 360 5.32 -14.03 -32.31
CA THR C 360 5.50 -12.59 -32.33
C THR C 360 4.17 -11.90 -32.65
N ALA C 361 3.42 -12.44 -33.61
CA ALA C 361 2.12 -11.89 -33.95
C ALA C 361 1.19 -11.93 -32.73
N GLY C 362 1.27 -13.01 -31.96
CA GLY C 362 0.46 -13.14 -30.78
C GLY C 362 0.78 -12.07 -29.75
N LEU C 363 2.07 -11.76 -29.59
CA LEU C 363 2.49 -10.75 -28.62
C LEU C 363 1.94 -9.37 -28.99
N LYS C 364 2.06 -9.04 -30.28
CA LYS C 364 1.57 -7.78 -30.82
C LYS C 364 0.06 -7.62 -30.60
N GLU C 365 -0.66 -8.72 -30.76
CA GLU C 365 -2.11 -8.74 -30.55
C GLU C 365 -2.44 -8.55 -29.06
N SER C 366 -1.56 -9.06 -28.19
CA SER C 366 -1.78 -8.99 -26.76
C SER C 366 -1.64 -7.56 -26.24
N HIS C 367 -0.62 -6.86 -26.73
CA HIS C 367 -0.46 -5.45 -26.42
C HIS C 367 -1.58 -4.62 -27.04
N VAL C 368 -1.67 -3.37 -26.62
CA VAL C 368 -2.53 -2.42 -27.30
C VAL C 368 -2.04 -2.27 -28.75
N HIS C 369 -2.96 -2.33 -29.70
CA HIS C 369 -2.61 -2.22 -31.12
C HIS C 369 -3.70 -1.48 -31.88
N ASP C 370 -3.30 -0.81 -32.96
CA ASP C 370 -4.23 -0.18 -33.91
C ASP C 370 -5.15 0.88 -33.29
N VAL C 371 -4.60 1.63 -32.34
CA VAL C 371 -5.33 2.65 -31.62
C VAL C 371 -4.21 3.40 -30.93
N THR C 372 -4.35 4.71 -30.78
CA THR C 372 -3.35 5.51 -30.11
C THR C 372 -3.82 5.92 -28.73
N ILE C 373 -3.03 5.58 -27.71
CA ILE C 373 -3.36 5.88 -26.32
C ILE C 373 -3.38 7.41 -26.10
N THR C 374 -4.44 7.92 -25.47
CA THR C 374 -4.57 9.37 -25.21
C THR C 374 -4.48 9.73 -23.74
N HIS C 375 -5.03 8.86 -22.89
CA HIS C 375 -4.83 8.93 -21.44
C HIS C 375 -4.09 7.67 -21.02
N GLU C 376 -2.89 7.78 -20.49
CA GLU C 376 -2.18 6.58 -20.09
C GLU C 376 -2.81 5.93 -18.86
N ALA C 377 -2.85 4.60 -18.89
CA ALA C 377 -3.40 3.79 -17.83
C ALA C 377 -2.35 3.61 -16.73
N PRO C 378 -2.80 3.48 -15.48
CA PRO C 378 -1.85 3.40 -14.37
C PRO C 378 -0.99 2.13 -14.43
N ASN C 379 -1.50 1.08 -15.05
CA ASN C 379 -0.81 -0.21 -15.06
C ASN C 379 -0.24 -0.66 -16.40
N TYR C 380 -0.22 0.23 -17.38
CA TYR C 380 0.24 -0.15 -18.71
C TYR C 380 0.80 1.05 -19.45
N LYS C 381 2.12 1.10 -19.55
CA LYS C 381 2.77 2.19 -20.24
C LYS C 381 3.54 1.68 -21.46
N VAL C 382 3.54 2.49 -22.51
CA VAL C 382 4.32 2.21 -23.72
C VAL C 382 5.07 3.46 -24.18
P IMP D . -11.28 -33.15 26.59
O1P IMP D . -11.30 -34.63 26.96
O2P IMP D . -11.35 -32.77 25.11
O3P IMP D . -12.41 -32.44 27.29
O5' IMP D . -9.97 -32.52 27.26
C5' IMP D . -8.67 -32.82 26.79
C4' IMP D . -7.67 -31.81 27.30
O4' IMP D . -7.54 -31.95 28.73
C3' IMP D . -6.25 -31.95 26.79
O3' IMP D . -6.08 -31.39 25.49
C2' IMP D . -5.43 -31.24 27.87
O2' IMP D . -5.39 -29.84 27.67
C1' IMP D . -6.26 -31.52 29.13
N9 IMP D . -5.66 -32.58 29.99
C8 IMP D . -5.15 -33.79 29.60
N7 IMP D . -4.73 -34.42 30.71
C5 IMP D . -5.00 -33.65 31.80
C6 IMP D . -4.79 -33.84 33.16
O6 IMP D . -4.67 -34.99 33.61
N1 IMP D . -5.17 -32.82 34.03
C2 IMP D . -5.75 -31.67 33.56
N3 IMP D . -5.96 -31.49 32.21
C4 IMP D . -5.58 -32.48 31.35
O 2F1 E . 1.97 -30.19 37.36
C 2F1 E . 0.93 -30.21 38.02
N1 2F1 E . 0.43 -29.14 38.65
C4 2F1 E . 0.95 -27.88 38.76
C5 2F1 E . 2.23 -27.55 38.30
C6 2F1 E . 2.76 -26.26 38.46
C9 2F1 E . 0.19 -26.91 39.42
C8 2F1 E . 0.71 -25.63 39.58
C7 2F1 E . 1.98 -25.30 39.10
BR1 2F1 E . 2.67 -23.55 39.33
N2 2F1 E . 0.18 -31.30 38.13
C12 2F1 E . 0.44 -32.63 37.57
C23 2F1 E . -0.52 -33.62 38.24
C22 2F1 E . 1.87 -33.08 37.81
C13 2F1 E . 0.10 -32.61 36.10
C14 2F1 E . 0.75 -33.45 35.20
C15 2F1 E . 0.40 -33.41 33.85
C16 2F1 E . -0.60 -32.54 33.40
C17 2F1 E . -1.25 -31.69 34.30
C18 2F1 E . -0.90 -31.75 35.65
C19 2F1 E . -2.34 -30.75 33.87
C20 2F1 E . -2.62 -30.57 32.59
C21 2F1 E . -3.11 -30.00 34.90
K K F . -13.03 -31.17 34.47
S SO4 G . 0.69 -48.60 12.00
O1 SO4 G . -0.54 -49.19 11.47
O2 SO4 G . 1.18 -49.41 13.11
O3 SO4 G . 1.71 -48.52 10.96
O4 SO4 G . 0.36 -47.26 12.48
P PO4 H . -3.13 -46.28 5.03
O1 PO4 H . -2.78 -47.60 5.67
O2 PO4 H . -4.22 -45.61 5.84
O3 PO4 H . -3.66 -46.55 3.63
O4 PO4 H . -1.92 -45.38 4.94
P PO4 I . -20.20 -46.73 30.84
O1 PO4 I . -20.40 -47.56 32.09
O2 PO4 I . -18.72 -46.43 30.71
O3 PO4 I . -20.69 -47.51 29.64
O4 PO4 I . -20.98 -45.45 30.93
P PO4 J . -20.81 -51.62 36.56
O1 PO4 J . -21.98 -52.45 36.07
O2 PO4 J . -19.87 -52.49 37.37
O3 PO4 J . -20.09 -51.05 35.37
O4 PO4 J . -21.34 -50.53 37.44
P IMP K . -2.76 33.88 -20.29
O1P IMP K . -3.13 32.45 -20.55
O2P IMP K . -2.32 34.26 -18.89
O3P IMP K . -1.68 34.30 -21.28
O5' IMP K . -4.05 34.76 -20.64
C5' IMP K . -5.33 34.47 -20.11
C4' IMP K . -6.30 35.56 -20.48
O4' IMP K . -6.75 35.38 -21.83
C3' IMP K . -7.58 35.62 -19.68
O3' IMP K . -7.40 36.26 -18.44
C2' IMP K . -8.52 36.38 -20.61
O2' IMP K . -8.30 37.78 -20.50
C1' IMP K . -8.03 35.94 -21.98
N9 IMP K . -8.90 34.95 -22.61
C8 IMP K . -9.51 33.86 -22.06
N7 IMP K . -10.20 33.22 -23.03
C5 IMP K . -10.03 33.90 -24.20
C6 IMP K . -10.49 33.68 -25.49
O6 IMP K . -10.76 32.52 -25.83
N1 IMP K . -10.12 34.58 -26.47
C2 IMP K . -9.32 35.66 -26.17
N3 IMP K . -8.85 35.87 -24.89
C4 IMP K . -9.21 34.99 -23.94
O 2F1 L . -17.26 38.01 -28.28
C 2F1 L . -16.59 37.74 -29.27
N1 2F1 L . -16.22 38.65 -30.19
C4 2F1 L . -16.56 39.96 -30.28
C5 2F1 L . -17.72 40.45 -29.69
C6 2F1 L . -18.07 41.79 -29.84
C9 2F1 L . -15.79 40.80 -31.08
C8 2F1 L . -16.14 42.14 -31.24
C7 2F1 L . -17.28 42.64 -30.62
BR1 2F1 L . -17.79 44.44 -30.83
N2 2F1 L . -16.12 36.51 -29.52
C12 2F1 L . -16.35 35.33 -28.71
C23 2F1 L . -15.75 34.16 -29.47
C22 2F1 L . -17.85 35.10 -28.52
C13 2F1 L . -15.62 35.44 -27.38
C14 2F1 L . -16.05 34.77 -26.25
C15 2F1 L . -15.36 34.87 -25.04
C16 2F1 L . -14.21 35.65 -24.96
C17 2F1 L . -13.77 36.33 -26.09
C18 2F1 L . -14.47 36.23 -27.29
C19 2F1 L . -12.55 37.18 -26.05
C20 2F1 L . -12.09 37.64 -24.90
C21 2F1 L . -11.87 37.53 -27.34
K K M . -2.46 35.15 -28.37
P PO4 N . 3.25 19.16 -25.44
O1 PO4 N . 2.56 18.05 -26.20
O2 PO4 N . 4.19 18.59 -24.39
O3 PO4 N . 4.04 20.03 -26.40
O4 PO4 N . 2.19 19.99 -24.74
S SO4 O . -7.98 23.31 3.01
O1 SO4 O . -8.27 21.92 2.70
O2 SO4 O . -8.21 23.57 4.44
O3 SO4 O . -8.84 24.19 2.23
O4 SO4 O . -6.57 23.57 2.69
S SO4 P . -13.18 20.79 -2.45
O1 SO4 P . -14.53 20.49 -1.96
O2 SO4 P . -12.79 19.84 -3.48
O3 SO4 P . -13.11 22.13 -3.01
O4 SO4 P . -12.24 20.72 -1.32
P PO4 Q . -27.02 35.06 -17.20
O1 PO4 Q . -26.00 34.10 -17.78
O2 PO4 Q . -28.09 34.27 -16.49
O3 PO4 Q . -27.64 35.86 -18.33
O4 PO4 Q . -26.34 36.01 -16.23
C ACY R . 17.01 13.07 -25.69
O ACY R . 17.47 13.12 -26.86
OXT ACY R . 17.67 13.37 -24.67
CH3 ACY R . 15.59 12.62 -25.48
P IMP S . 14.79 -5.59 -12.86
O1P IMP S . 14.61 -6.11 -14.28
O2P IMP S . 13.50 -5.81 -12.08
O3P IMP S . 15.30 -4.17 -12.89
O5' IMP S . 15.87 -6.57 -12.24
C5' IMP S . 16.82 -6.12 -11.29
C4' IMP S . 17.74 -7.23 -10.88
O4' IMP S . 18.91 -7.23 -11.71
C3' IMP S . 18.31 -7.15 -9.47
O3' IMP S . 17.40 -7.64 -8.51
C2' IMP S . 19.55 -8.01 -9.56
O2' IMP S . 19.20 -9.38 -9.43
C1' IMP S . 20.01 -7.76 -11.01
N9 IMP S . 21.10 -6.77 -11.10
C8 IMP S . 21.25 -5.61 -10.41
N7 IMP S . 22.36 -5.01 -10.87
C5 IMP S . 22.92 -5.76 -11.84
C6 IMP S . 24.05 -5.59 -12.65
O6 IMP S . 24.45 -4.43 -12.89
N1 IMP S . 24.32 -6.57 -13.58
C2 IMP S . 23.50 -7.68 -13.71
N3 IMP S . 22.39 -7.84 -12.91
C4 IMP S . 22.10 -6.88 -12.00
O 2F1 T . 31.13 -10.10 -10.74
C 2F1 T . 31.10 -9.92 -11.95
N1 2F1 T . 31.21 -10.91 -12.86
C4 2F1 T . 31.48 -12.22 -12.64
C5 2F1 T . 32.05 -12.63 -11.44
C6 2F1 T . 32.39 -13.95 -11.20
C9 2F1 T . 31.30 -13.15 -13.66
C8 2F1 T . 31.63 -14.49 -13.44
C7 2F1 T . 32.18 -14.89 -12.22
BR1 2F1 T . 32.66 -16.69 -11.88
N2 2F1 T . 30.88 -8.71 -12.47
C12 2F1 T . 30.72 -7.47 -11.74
C23 2F1 T . 30.71 -6.34 -12.77
C22 2F1 T . 31.85 -7.25 -10.73
C13 2F1 T . 29.38 -7.43 -11.06
C14 2F1 T . 29.21 -6.68 -9.90
C15 2F1 T . 27.96 -6.64 -9.29
C16 2F1 T . 26.88 -7.34 -9.84
C17 2F1 T . 27.07 -8.07 -11.01
C18 2F1 T . 28.31 -8.13 -11.62
C19 2F1 T . 25.92 -8.84 -11.62
C20 2F1 T . 24.75 -8.87 -11.02
C21 2F1 T . 26.13 -9.56 -12.92
K K U . 19.11 -7.68 -19.62
S SO4 V . 13.27 9.17 6.00
O1 SO4 V . 11.95 8.64 6.26
O2 SO4 V . 14.13 8.11 5.52
O3 SO4 V . 13.20 10.19 4.95
O4 SO4 V . 13.82 9.76 7.23
P PO4 W . 12.81 8.45 -21.73
O1 PO4 W . 12.34 7.02 -21.78
O2 PO4 W . 13.83 8.62 -20.63
O3 PO4 W . 13.47 8.81 -23.04
O4 PO4 W . 11.61 9.35 -21.50
C ACY X . 34.04 -8.65 6.28
O ACY X . 34.43 -9.82 6.49
OXT ACY X . 32.83 -8.32 6.21
CH3 ACY X . 35.08 -7.56 6.12
#